data_6PPL
#
_entry.id   6PPL
#
loop_
_entity.id
_entity.type
_entity.pdbx_description
1 polymer 'N-alpha-acetyltransferase 50'
2 polymer 'N-alpha-acetyltransferase 15, NatA auxiliary subunit'
3 polymer 'N-alpha-acetyltransferase 10'
4 non-polymer 'ACETYL COENZYME *A'
5 non-polymer 'INOSITOL HEXAKISPHOSPHATE'
#
loop_
_entity_poly.entity_id
_entity_poly.type
_entity_poly.pdbx_seq_one_letter_code
_entity_poly.pdbx_strand_id
1 'polypeptide(L)'
;MKGSRIELGDVTPHNIKQLKRLNQVIFPVSYNDKFYKDVLEVGELAKLAYFNDIAVGAVCCRVDHSQNQKRLYIMTLGCL
APYRRLGIGTKMLNHVLNICEKDGTFDNIYLHVQISNESAIDFYRKFGFEIIETKKNYYKRIEPADAHVLQKNLKVPSGQ
NADVQKTDN
;
A
2 'polypeptide(L)'
;MPAVSLPPKENALFKRILRCYEHKQYRNGLKFCKQILSNPKFAEHGETLAMKGLTLNCLGKKEEAYELVRRGLRNDLKSH
VCWHVYGLLQRSDKKYDEAIKCYRNALKWDKDNLQILRDLSLLQIQMRDLEGYRETRYQLLQLRPAQRASWIGYAIAYHL
LEDYEMAAKILEEFRKTQQTSPDKVDYEYSELLLYQNQVLREAGLYREALEHLCTYEKQICDKLAVEETKGELLLQLCRL
EDAADVYRGLQERNPENWAYYKGLEKALKPANMLERLKIYEEAWTKYPRGLVPRRLPLNFLSGEKFKECLDKFLRMNFSK
GCPPVFNTLRSLYKDKEKVAIIEELVVGYETSLKSCRLFNPNDDGKEEPPTTLLWVQYYLAQHYDKIGQPSIALEYINTA
IESTPTLIELFLVKAKIYKHAGNIKEAARWMDEAQALDTADRFINSKCAKYMLKANLIKEAEEMCSKFTREGTSAVENLN
EMQCMWFQTECAQAYKAMNKFGEALKKCHEIERHFIEITDDQFDFHTYCMRKITLRSYVDLLKLEDVLRQHPFYFKAARI
AIEIYLKLHDNPLTDENKEHEADTANMSDKELKKLRNKQRRAQKKAQIEEEKKNAEKEKQQRNQKKKKDDDDEEIGGPKE
ELIPEKLAKVETPLEEAIKFLTPLKNLVKNKIETHLFAFEIYFRKEKFLLMLQSVKRAFAIDSSHPWLHECMIRLFNTAV
CESKDLSDTVRTVLKQEMNRLFGATNPKNFNETFLKRNSDSLPHRLSAAKMVYYLDPSSQKRAIELATTLDESLTNRNLQ
TCMEVLEALYDGSLGDCKEAAEIYRANCHKLFPYALAFMPPGYEEDMKITVNGDSSAEAEELANEI
;
B
3 'polypeptide(L)'
;(ACE)MNIRNARPEDLMNMQHCNLLCLPENYQMKYYFYHGLSWPQLSYIAEDENGKIVGYVLAKMEEDPDDVPHGHITSL
AVKRSHRRLGLAQKLMDQASRAMIENFNAKYVSLHVRKSNRAALHLYSNTLNFQISEVEPKYYADGEDAYAMKRDLTQMA
DELRRHLELKEKGRHVVLGAIENKVESKGNSPPSSGEACREEKGLAAEDSGGDSKDLSEVSETTESTDVKDSSEASDSAS
;
C
#
# COMPACT_ATOMS: atom_id res chain seq x y z
N MET A 1 13.35 -31.10 -18.58
CA MET A 1 11.96 -30.62 -18.61
C MET A 1 11.51 -30.15 -17.23
N LYS A 2 11.91 -30.89 -16.20
CA LYS A 2 11.56 -30.54 -14.83
C LYS A 2 12.40 -29.37 -14.34
N GLY A 3 11.72 -28.34 -13.86
CA GLY A 3 12.40 -27.14 -13.39
C GLY A 3 12.56 -26.04 -14.41
N SER A 4 11.53 -25.77 -15.21
CA SER A 4 11.62 -24.78 -16.28
C SER A 4 11.26 -23.40 -15.74
N ARG A 5 12.23 -22.48 -15.81
CA ARG A 5 12.00 -21.07 -15.53
C ARG A 5 11.83 -20.26 -16.80
N ILE A 6 11.97 -20.89 -17.97
CA ILE A 6 11.76 -20.27 -19.26
C ILE A 6 10.38 -20.65 -19.75
N GLU A 7 9.58 -19.66 -20.15
CA GLU A 7 8.27 -19.91 -20.71
C GLU A 7 7.95 -18.86 -21.75
N LEU A 8 6.94 -19.13 -22.56
CA LEU A 8 6.50 -18.21 -23.59
C LEU A 8 5.19 -17.55 -23.20
N GLY A 9 4.85 -16.48 -23.91
CA GLY A 9 3.63 -15.76 -23.64
C GLY A 9 3.08 -15.11 -24.90
N ASP A 10 1.80 -14.76 -24.84
CA ASP A 10 1.09 -14.23 -25.99
C ASP A 10 1.31 -12.72 -26.10
N VAL A 11 1.60 -12.26 -27.31
CA VAL A 11 1.65 -10.83 -27.58
C VAL A 11 0.23 -10.28 -27.51
N THR A 12 0.02 -9.31 -26.64
CA THR A 12 -1.29 -8.75 -26.31
C THR A 12 -1.26 -7.27 -26.68
N PRO A 13 -2.40 -6.63 -26.97
CA PRO A 13 -2.42 -5.16 -27.08
C PRO A 13 -1.94 -4.42 -25.83
N HIS A 14 -1.96 -5.04 -24.65
CA HIS A 14 -1.49 -4.40 -23.43
C HIS A 14 0.00 -4.59 -23.19
N ASN A 15 0.68 -5.43 -23.97
CA ASN A 15 2.13 -5.54 -23.84
C ASN A 15 2.82 -5.40 -25.19
N ILE A 16 2.21 -4.69 -26.14
CA ILE A 16 2.79 -4.53 -27.47
C ILE A 16 4.00 -3.59 -27.44
N LYS A 17 4.04 -2.65 -26.49
CA LYS A 17 5.19 -1.74 -26.39
C LYS A 17 6.43 -2.48 -25.91
N GLN A 18 6.26 -3.55 -25.13
CA GLN A 18 7.38 -4.40 -24.77
C GLN A 18 7.91 -5.14 -25.98
N LEU A 19 7.03 -5.48 -26.92
CA LEU A 19 7.49 -6.14 -28.15
C LEU A 19 8.26 -5.17 -29.04
N LYS A 20 7.84 -3.91 -29.09
CA LYS A 20 8.58 -2.93 -29.88
C LYS A 20 9.89 -2.56 -29.21
N ARG A 21 9.92 -2.53 -27.88
CA ARG A 21 11.17 -2.23 -27.17
C ARG A 21 12.15 -3.39 -27.28
N LEU A 22 11.67 -4.63 -27.33
CA LEU A 22 12.57 -5.76 -27.58
C LEU A 22 13.15 -5.71 -28.98
N ASN A 23 12.39 -5.19 -29.95
CA ASN A 23 12.86 -5.24 -31.33
C ASN A 23 13.95 -4.22 -31.60
N GLN A 24 13.76 -2.97 -31.17
CA GLN A 24 14.73 -1.93 -31.44
C GLN A 24 16.00 -2.06 -30.62
N VAL A 25 15.94 -2.77 -29.49
CA VAL A 25 17.16 -3.04 -28.73
C VAL A 25 18.01 -4.10 -29.42
N ILE A 26 17.37 -5.16 -29.89
CA ILE A 26 18.09 -6.32 -30.41
C ILE A 26 18.46 -6.16 -31.88
N PHE A 27 17.53 -5.70 -32.72
CA PHE A 27 17.79 -5.71 -34.15
C PHE A 27 18.20 -4.32 -34.65
N PRO A 28 19.09 -4.24 -35.64
CA PRO A 28 19.50 -2.93 -36.16
C PRO A 28 18.48 -2.27 -37.07
N VAL A 29 17.57 -3.04 -37.67
CA VAL A 29 16.57 -2.47 -38.56
C VAL A 29 15.35 -2.05 -37.76
N SER A 30 14.50 -1.23 -38.36
CA SER A 30 13.33 -0.69 -37.70
C SER A 30 12.07 -1.15 -38.42
N TYR A 31 10.96 -1.17 -37.67
CA TYR A 31 9.69 -1.64 -38.18
C TYR A 31 8.63 -0.57 -37.97
N ASN A 32 7.79 -0.36 -38.99
CA ASN A 32 6.72 0.61 -38.91
C ASN A 32 5.56 0.09 -38.07
N ASP A 33 4.56 0.94 -37.89
CA ASP A 33 3.45 0.60 -36.99
C ASP A 33 2.52 -0.43 -37.64
N LYS A 34 2.49 -0.48 -38.97
CA LYS A 34 1.65 -1.45 -39.67
C LYS A 34 2.18 -2.86 -39.52
N PHE A 35 3.49 -3.00 -39.26
CA PHE A 35 4.04 -4.29 -38.85
C PHE A 35 3.48 -4.73 -37.52
N TYR A 36 3.41 -3.81 -36.56
CA TYR A 36 2.98 -4.17 -35.21
C TYR A 36 1.48 -4.22 -35.10
N LYS A 37 0.77 -3.85 -36.17
CA LYS A 37 -0.68 -4.02 -36.19
C LYS A 37 -1.05 -5.41 -36.68
N ASP A 38 -0.27 -5.96 -37.62
CA ASP A 38 -0.58 -7.28 -38.15
C ASP A 38 -0.19 -8.38 -37.18
N VAL A 39 0.75 -8.08 -36.27
CA VAL A 39 1.25 -9.09 -35.33
C VAL A 39 0.20 -9.36 -34.24
N LEU A 40 -0.77 -8.48 -34.07
CA LEU A 40 -1.87 -8.73 -33.14
C LEU A 40 -2.96 -9.56 -33.80
N GLU A 41 -2.84 -9.84 -35.10
CA GLU A 41 -3.85 -10.56 -35.85
C GLU A 41 -3.40 -11.92 -36.33
N VAL A 42 -2.23 -12.39 -35.87
CA VAL A 42 -1.70 -13.67 -36.32
C VAL A 42 -2.18 -14.79 -35.41
N GLY A 43 -1.82 -14.73 -34.16
CA GLY A 43 -2.19 -15.76 -33.21
C GLY A 43 -0.96 -16.33 -32.53
N GLU A 44 -0.84 -17.66 -32.57
CA GLU A 44 0.19 -18.35 -31.80
C GLU A 44 1.55 -18.32 -32.49
N LEU A 45 1.66 -17.68 -33.65
CA LEU A 45 2.98 -17.56 -34.29
C LEU A 45 3.77 -16.38 -33.75
N ALA A 46 3.14 -15.52 -32.94
CA ALA A 46 3.80 -14.39 -32.31
C ALA A 46 3.83 -14.62 -30.82
N LYS A 47 5.03 -14.85 -30.28
CA LYS A 47 5.19 -15.18 -28.87
C LYS A 47 6.22 -14.28 -28.21
N LEU A 48 5.95 -13.90 -26.97
CA LEU A 48 6.91 -13.23 -26.11
C LEU A 48 7.57 -14.27 -25.21
N ALA A 49 8.91 -14.30 -25.21
CA ALA A 49 9.65 -15.28 -24.43
C ALA A 49 10.10 -14.67 -23.11
N TYR A 50 9.83 -15.37 -22.02
CA TYR A 50 10.15 -14.88 -20.68
C TYR A 50 11.26 -15.72 -20.06
N PHE A 51 11.96 -15.12 -19.09
CA PHE A 51 13.01 -15.78 -18.33
C PHE A 51 12.98 -15.20 -16.93
N ASN A 52 12.58 -16.02 -15.94
CA ASN A 52 12.33 -15.60 -14.56
C ASN A 52 11.30 -14.47 -14.52
N ASP A 53 10.25 -14.61 -15.34
CA ASP A 53 9.07 -13.73 -15.37
C ASP A 53 9.41 -12.30 -15.78
N ILE A 54 10.47 -12.11 -16.56
CA ILE A 54 10.72 -10.85 -17.26
C ILE A 54 10.88 -11.18 -18.73
N ALA A 55 10.43 -10.27 -19.60
CA ALA A 55 10.40 -10.53 -21.03
C ALA A 55 11.76 -10.24 -21.64
N VAL A 56 12.39 -11.26 -22.22
CA VAL A 56 13.78 -11.13 -22.65
C VAL A 56 13.95 -11.45 -24.13
N GLY A 57 12.87 -11.79 -24.81
CA GLY A 57 12.97 -12.13 -26.22
C GLY A 57 11.59 -12.33 -26.81
N ALA A 58 11.56 -12.46 -28.14
CA ALA A 58 10.30 -12.57 -28.85
C ALA A 58 10.51 -13.22 -30.21
N VAL A 59 9.41 -13.68 -30.79
CA VAL A 59 9.39 -14.28 -32.11
C VAL A 59 8.14 -13.80 -32.84
N CYS A 60 8.28 -13.48 -34.13
CA CYS A 60 7.18 -13.02 -34.95
C CYS A 60 7.20 -13.76 -36.27
N CYS A 61 6.03 -14.25 -36.70
CA CYS A 61 5.91 -15.00 -37.94
C CYS A 61 4.65 -14.55 -38.67
N ARG A 62 4.60 -14.88 -39.95
CA ARG A 62 3.40 -14.68 -40.76
C ARG A 62 3.31 -15.77 -41.80
N VAL A 63 2.09 -16.03 -42.26
CA VAL A 63 1.84 -17.08 -43.24
C VAL A 63 2.05 -16.52 -44.64
N ASP A 64 2.91 -17.19 -45.41
CA ASP A 64 3.29 -16.73 -46.73
C ASP A 64 2.63 -17.58 -47.81
N HIS A 65 2.50 -17.02 -49.00
CA HIS A 65 1.97 -17.73 -50.17
C HIS A 65 2.77 -17.28 -51.38
N SER A 66 3.82 -18.05 -51.71
CA SER A 66 4.68 -17.73 -52.83
C SER A 66 5.19 -19.02 -53.45
N GLN A 67 5.46 -18.95 -54.76
CA GLN A 67 5.97 -20.08 -55.57
C GLN A 67 5.06 -21.30 -55.54
N ASN A 68 3.75 -21.04 -55.46
CA ASN A 68 2.69 -22.07 -55.44
C ASN A 68 2.85 -23.05 -54.27
N GLN A 69 3.36 -22.55 -53.15
CA GLN A 69 3.52 -23.37 -51.96
C GLN A 69 3.32 -22.49 -50.73
N LYS A 70 2.88 -23.12 -49.65
CA LYS A 70 2.66 -22.44 -48.38
C LYS A 70 3.96 -22.41 -47.59
N ARG A 71 4.47 -21.20 -47.35
CA ARG A 71 5.68 -21.01 -46.56
C ARG A 71 5.36 -20.27 -45.28
N LEU A 72 6.25 -20.41 -44.30
CA LEU A 72 6.17 -19.66 -43.05
C LEU A 72 7.46 -18.86 -42.91
N TYR A 73 7.32 -17.54 -42.89
CA TYR A 73 8.47 -16.64 -42.84
C TYR A 73 8.69 -16.18 -41.41
N ILE A 74 9.78 -16.64 -40.80
CA ILE A 74 10.16 -16.23 -39.45
C ILE A 74 10.96 -14.93 -39.57
N MET A 75 10.28 -13.81 -39.29
CA MET A 75 10.87 -12.50 -39.52
C MET A 75 11.85 -12.14 -38.42
N THR A 76 11.38 -12.10 -37.18
CA THR A 76 12.20 -11.74 -36.03
C THR A 76 12.31 -12.93 -35.08
N LEU A 77 13.54 -13.22 -34.65
CA LEU A 77 13.77 -14.21 -33.60
C LEU A 77 15.06 -13.82 -32.90
N GLY A 78 14.97 -13.55 -31.60
CA GLY A 78 16.18 -13.24 -30.85
C GLY A 78 15.85 -12.88 -29.43
N CYS A 79 16.90 -12.89 -28.61
CA CYS A 79 16.82 -12.49 -27.20
C CYS A 79 17.92 -11.50 -26.90
N LEU A 80 17.86 -10.94 -25.69
CA LEU A 80 18.79 -9.90 -25.25
C LEU A 80 20.21 -10.46 -25.13
N ALA A 81 21.18 -9.56 -25.18
CA ALA A 81 22.58 -9.94 -25.09
C ALA A 81 23.04 -10.43 -23.70
N PRO A 82 22.56 -9.93 -22.55
CA PRO A 82 22.93 -10.58 -21.29
C PRO A 82 22.29 -11.95 -21.06
N TYR A 83 21.29 -12.34 -21.86
CA TYR A 83 20.54 -13.56 -21.60
C TYR A 83 20.74 -14.63 -22.67
N ARG A 84 21.80 -14.52 -23.46
CA ARG A 84 22.09 -15.52 -24.47
C ARG A 84 22.84 -16.69 -23.87
N ARG A 85 23.00 -17.75 -24.67
CA ARG A 85 23.55 -19.06 -24.28
C ARG A 85 22.81 -19.65 -23.09
N LEU A 86 21.50 -19.46 -23.04
CA LEU A 86 20.68 -19.90 -21.92
C LEU A 86 19.45 -20.69 -22.34
N GLY A 87 19.22 -20.88 -23.64
CA GLY A 87 18.13 -21.71 -24.11
C GLY A 87 16.86 -20.99 -24.48
N ILE A 88 16.88 -19.66 -24.62
CA ILE A 88 15.67 -18.92 -24.98
C ILE A 88 15.33 -19.13 -26.45
N GLY A 89 16.33 -19.06 -27.33
CA GLY A 89 16.11 -19.22 -28.74
C GLY A 89 15.80 -20.64 -29.16
N THR A 90 16.21 -21.63 -28.37
CA THR A 90 15.82 -23.00 -28.64
C THR A 90 14.35 -23.21 -28.30
N LYS A 91 13.87 -22.60 -27.21
CA LYS A 91 12.45 -22.71 -26.86
C LYS A 91 11.56 -21.95 -27.82
N MET A 92 12.04 -20.82 -28.35
CA MET A 92 11.24 -20.04 -29.28
C MET A 92 11.14 -20.72 -30.64
N LEU A 93 12.24 -21.30 -31.12
CA LEU A 93 12.23 -21.90 -32.44
C LEU A 93 11.53 -23.26 -32.46
N ASN A 94 11.59 -24.01 -31.35
CA ASN A 94 10.85 -25.25 -31.27
C ASN A 94 9.35 -25.02 -31.23
N HIS A 95 8.92 -23.85 -30.75
CA HIS A 95 7.50 -23.53 -30.72
C HIS A 95 6.97 -23.27 -32.13
N VAL A 96 7.80 -22.67 -32.98
CA VAL A 96 7.42 -22.43 -34.37
C VAL A 96 7.33 -23.75 -35.12
N LEU A 97 8.29 -24.66 -34.88
CA LEU A 97 8.28 -25.95 -35.55
C LEU A 97 7.11 -26.82 -35.09
N ASN A 98 6.71 -26.70 -33.82
CA ASN A 98 5.63 -27.53 -33.28
C ASN A 98 4.29 -27.21 -33.94
N ILE A 99 4.11 -25.95 -34.36
CA ILE A 99 2.93 -25.58 -35.13
C ILE A 99 2.97 -26.22 -36.51
N CYS A 100 4.18 -26.38 -37.08
CA CYS A 100 4.30 -26.87 -38.45
C CYS A 100 3.96 -28.35 -38.57
N GLU A 101 4.48 -29.20 -37.67
CA GLU A 101 4.12 -30.61 -37.76
C GLU A 101 2.69 -30.87 -37.29
N LYS A 102 2.11 -29.95 -36.52
CA LYS A 102 0.73 -30.13 -36.08
C LYS A 102 -0.24 -29.86 -37.22
N ASP A 103 0.06 -28.89 -38.08
CA ASP A 103 -0.82 -28.59 -39.21
C ASP A 103 -0.57 -29.56 -40.36
N GLY A 104 0.69 -29.68 -40.79
CA GLY A 104 1.05 -30.56 -41.88
C GLY A 104 0.86 -29.99 -43.27
N THR A 105 0.19 -28.84 -43.41
CA THR A 105 -0.01 -28.22 -44.71
C THR A 105 1.14 -27.32 -45.12
N PHE A 106 2.09 -27.05 -44.22
CA PHE A 106 3.21 -26.18 -44.54
C PHE A 106 4.20 -26.90 -45.44
N ASP A 107 4.88 -26.12 -46.30
CA ASP A 107 5.85 -26.66 -47.23
C ASP A 107 7.27 -26.17 -46.99
N ASN A 108 7.46 -25.11 -46.21
CA ASN A 108 8.78 -24.49 -46.11
C ASN A 108 8.88 -23.68 -44.82
N ILE A 109 10.13 -23.42 -44.44
CA ILE A 109 10.50 -22.51 -43.36
C ILE A 109 11.71 -21.73 -43.82
N TYR A 110 11.61 -20.41 -43.87
CA TYR A 110 12.74 -19.62 -44.36
C TYR A 110 12.86 -18.31 -43.59
N LEU A 111 14.06 -17.74 -43.65
CA LEU A 111 14.38 -16.45 -43.04
C LEU A 111 15.67 -15.93 -43.65
N HIS A 112 15.85 -14.61 -43.53
CA HIS A 112 17.07 -13.96 -44.00
C HIS A 112 17.99 -13.66 -42.82
N VAL A 113 19.25 -14.03 -42.97
CA VAL A 113 20.27 -13.87 -41.95
C VAL A 113 21.33 -12.91 -42.49
N GLN A 114 21.84 -11.98 -41.66
CA GLN A 114 23.01 -11.21 -42.11
C GLN A 114 24.24 -12.11 -42.23
N ILE A 115 25.11 -11.76 -43.18
CA ILE A 115 26.32 -12.53 -43.41
C ILE A 115 27.42 -12.19 -42.41
N SER A 116 27.22 -11.14 -41.61
CA SER A 116 28.16 -10.81 -40.54
C SER A 116 27.84 -11.54 -39.24
N ASN A 117 26.57 -11.80 -38.96
CA ASN A 117 26.15 -12.49 -37.75
C ASN A 117 26.41 -13.99 -37.94
N GLU A 118 27.66 -14.38 -37.71
CA GLU A 118 28.05 -15.78 -37.84
C GLU A 118 27.70 -16.60 -36.62
N SER A 119 27.31 -15.96 -35.52
CA SER A 119 26.79 -16.71 -34.38
C SER A 119 25.39 -17.21 -34.64
N ALA A 120 24.59 -16.45 -35.40
CA ALA A 120 23.22 -16.84 -35.66
C ALA A 120 23.11 -17.94 -36.69
N ILE A 121 24.08 -18.04 -37.61
CA ILE A 121 24.08 -19.11 -38.59
C ILE A 121 24.33 -20.45 -37.91
N ASP A 122 25.29 -20.47 -36.98
CA ASP A 122 25.64 -21.69 -36.26
C ASP A 122 24.56 -22.14 -35.28
N PHE A 123 23.60 -21.26 -34.95
CA PHE A 123 22.46 -21.69 -34.15
C PHE A 123 21.39 -22.33 -35.02
N TYR A 124 21.09 -21.72 -36.17
CA TYR A 124 20.08 -22.27 -37.06
C TYR A 124 20.56 -23.50 -37.80
N ARG A 125 21.88 -23.67 -37.94
CA ARG A 125 22.42 -24.83 -38.65
C ARG A 125 22.17 -26.13 -37.89
N LYS A 126 21.97 -26.05 -36.59
CA LYS A 126 21.78 -27.24 -35.78
C LYS A 126 20.38 -27.83 -35.98
N PHE A 127 19.41 -27.02 -36.41
CA PHE A 127 18.03 -27.47 -36.50
C PHE A 127 17.64 -27.92 -37.90
N GLY A 128 18.56 -27.85 -38.86
CA GLY A 128 18.29 -28.27 -40.22
C GLY A 128 18.15 -27.17 -41.24
N PHE A 129 18.73 -26.00 -41.01
CA PHE A 129 18.64 -24.89 -41.95
C PHE A 129 19.85 -24.89 -42.86
N GLU A 130 19.61 -24.72 -44.17
CA GLU A 130 20.69 -24.71 -45.15
C GLU A 130 20.75 -23.35 -45.84
N ILE A 131 21.96 -22.94 -46.21
CA ILE A 131 22.16 -21.73 -46.99
C ILE A 131 21.79 -22.02 -48.44
N ILE A 132 20.66 -21.49 -48.90
CA ILE A 132 20.17 -21.77 -50.24
C ILE A 132 20.33 -20.60 -51.21
N GLU A 133 20.49 -19.37 -50.71
CA GLU A 133 20.52 -18.21 -51.59
C GLU A 133 21.20 -17.06 -50.87
N THR A 134 22.09 -16.37 -51.57
CA THR A 134 22.80 -15.21 -51.03
C THR A 134 22.28 -13.97 -51.72
N LYS A 135 21.54 -13.14 -50.98
CA LYS A 135 21.08 -11.87 -51.50
C LYS A 135 22.18 -10.80 -51.37
N LYS A 136 22.03 -9.73 -52.14
CA LYS A 136 22.88 -8.56 -51.99
C LYS A 136 21.99 -7.33 -52.05
N ASN A 137 22.41 -6.28 -51.34
CA ASN A 137 21.67 -5.03 -51.17
C ASN A 137 20.27 -5.30 -50.59
N TYR A 138 20.23 -6.10 -49.53
CA TYR A 138 18.95 -6.39 -48.89
C TYR A 138 18.62 -5.34 -47.84
N TYR A 139 19.56 -5.08 -46.93
CA TYR A 139 19.39 -4.00 -45.97
C TYR A 139 19.94 -2.71 -46.54
N LYS A 140 19.41 -1.59 -46.04
CA LYS A 140 19.70 -0.30 -46.67
C LYS A 140 20.91 0.38 -46.06
N ARG A 141 20.86 0.69 -44.76
CA ARG A 141 21.85 1.56 -44.13
C ARG A 141 22.89 0.81 -43.31
N ILE A 142 22.70 -0.48 -43.07
CA ILE A 142 23.58 -1.25 -42.19
C ILE A 142 24.85 -1.59 -42.97
N GLU A 143 25.98 -1.72 -42.24
CA GLU A 143 27.28 -1.96 -42.85
C GLU A 143 27.37 -3.32 -43.56
N PRO A 144 26.84 -4.46 -43.01
CA PRO A 144 26.62 -5.60 -43.91
C PRO A 144 25.28 -5.49 -44.61
N ALA A 145 25.29 -5.30 -45.92
CA ALA A 145 24.07 -5.17 -46.69
C ALA A 145 23.65 -6.45 -47.37
N ASP A 146 24.48 -7.49 -47.31
CA ASP A 146 24.16 -8.78 -47.88
C ASP A 146 23.36 -9.61 -46.89
N ALA A 147 22.73 -10.67 -47.40
CA ALA A 147 21.88 -11.50 -46.57
C ALA A 147 21.77 -12.89 -47.17
N HIS A 148 22.11 -13.90 -46.39
CA HIS A 148 21.83 -15.27 -46.79
C HIS A 148 20.34 -15.55 -46.65
N VAL A 149 19.88 -16.59 -47.34
CA VAL A 149 18.53 -17.10 -47.19
C VAL A 149 18.66 -18.51 -46.66
N LEU A 150 18.21 -18.73 -45.43
CA LEU A 150 18.30 -20.04 -44.78
C LEU A 150 16.95 -20.71 -44.82
N GLN A 151 16.91 -21.95 -45.31
CA GLN A 151 15.67 -22.65 -45.61
C GLN A 151 15.65 -23.99 -44.87
N LYS A 152 14.45 -24.43 -44.49
CA LYS A 152 14.22 -25.75 -43.93
C LYS A 152 13.09 -26.43 -44.68
N ASN A 153 13.37 -27.61 -45.24
CA ASN A 153 12.36 -28.37 -45.96
C ASN A 153 11.65 -29.32 -45.02
N LEU A 154 10.31 -29.29 -45.05
CA LEU A 154 9.50 -30.13 -44.18
C LEU A 154 8.94 -31.36 -44.89
N LYS A 155 8.98 -31.40 -46.22
CA LYS A 155 8.53 -32.57 -46.96
C LYS A 155 9.67 -33.15 -47.79
N ASN B 113 -47.33 -2.42 20.01
CA ASN B 113 -47.09 -1.57 18.86
C ASN B 113 -45.67 -1.73 18.29
N LEU B 114 -45.48 -2.79 17.51
CA LEU B 114 -44.21 -3.00 16.81
C LEU B 114 -44.14 -2.11 15.58
N GLN B 115 -42.92 -2.01 15.03
CA GLN B 115 -42.53 -1.18 13.88
C GLN B 115 -42.67 0.33 14.11
N ILE B 116 -43.05 0.74 15.32
CA ILE B 116 -42.89 2.12 15.76
C ILE B 116 -41.92 2.20 16.92
N LEU B 117 -41.72 1.11 17.65
CA LEU B 117 -40.62 1.00 18.60
C LEU B 117 -39.39 0.40 17.96
N ARG B 118 -39.56 -0.33 16.86
CA ARG B 118 -38.42 -0.96 16.20
C ARG B 118 -37.57 0.06 15.45
N ASP B 119 -38.20 0.91 14.63
CA ASP B 119 -37.44 1.92 13.90
C ASP B 119 -37.05 3.10 14.78
N LEU B 120 -37.68 3.25 15.95
CA LEU B 120 -37.27 4.30 16.88
C LEU B 120 -35.93 3.96 17.52
N SER B 121 -35.73 2.69 17.89
CA SER B 121 -34.42 2.24 18.33
C SER B 121 -33.42 2.22 17.20
N LEU B 122 -33.91 2.05 15.96
CA LEU B 122 -33.02 1.99 14.80
C LEU B 122 -32.41 3.35 14.51
N LEU B 123 -33.11 4.43 14.82
CA LEU B 123 -32.50 5.76 14.70
C LEU B 123 -31.90 6.24 16.00
N GLN B 124 -32.09 5.50 17.10
CA GLN B 124 -31.43 5.83 18.35
C GLN B 124 -30.03 5.22 18.46
N ILE B 125 -29.81 4.04 17.88
CA ILE B 125 -28.46 3.51 17.79
C ILE B 125 -27.65 4.28 16.74
N GLN B 126 -28.33 4.94 15.80
CA GLN B 126 -27.63 5.76 14.83
C GLN B 126 -27.08 7.04 15.45
N MET B 127 -27.88 7.70 16.29
CA MET B 127 -27.48 8.95 16.92
C MET B 127 -26.85 8.76 18.29
N ARG B 128 -26.80 7.52 18.79
CA ARG B 128 -26.07 7.11 19.99
C ARG B 128 -26.57 7.81 21.27
N ASP B 129 -27.86 7.64 21.56
CA ASP B 129 -28.36 7.93 22.91
C ASP B 129 -28.58 6.56 23.57
N LEU B 130 -27.55 6.10 24.27
CA LEU B 130 -27.53 4.74 24.79
C LEU B 130 -28.44 4.54 25.99
N GLU B 131 -28.84 5.62 26.66
CA GLU B 131 -29.82 5.48 27.72
C GLU B 131 -31.24 5.44 27.16
N GLY B 132 -31.48 6.13 26.03
CA GLY B 132 -32.75 6.01 25.36
C GLY B 132 -32.84 4.80 24.46
N TYR B 133 -31.69 4.22 24.11
CA TYR B 133 -31.69 2.97 23.35
C TYR B 133 -31.93 1.78 24.26
N ARG B 134 -31.37 1.82 25.47
CA ARG B 134 -31.56 0.73 26.42
C ARG B 134 -33.00 0.70 26.93
N GLU B 135 -33.67 1.86 26.99
CA GLU B 135 -35.06 1.91 27.41
C GLU B 135 -36.02 1.47 26.32
N THR B 136 -35.58 1.47 25.06
CA THR B 136 -36.43 1.03 23.96
C THR B 136 -36.33 -0.47 23.73
N ARG B 137 -35.11 -1.02 23.80
CA ARG B 137 -34.94 -2.46 23.67
C ARG B 137 -35.45 -3.23 24.89
N TYR B 138 -35.63 -2.54 26.02
CA TYR B 138 -36.22 -3.18 27.19
C TYR B 138 -37.72 -3.37 27.01
N GLN B 139 -38.39 -2.48 26.29
CA GLN B 139 -39.81 -2.66 26.03
C GLN B 139 -40.06 -3.71 24.94
N LEU B 140 -39.13 -3.85 24.00
CA LEU B 140 -39.26 -4.88 22.98
C LEU B 140 -39.07 -6.28 23.58
N LEU B 141 -38.27 -6.38 24.63
CA LEU B 141 -38.07 -7.67 25.27
C LEU B 141 -39.31 -8.12 26.04
N GLN B 142 -39.99 -7.19 26.69
CA GLN B 142 -41.22 -7.51 27.42
C GLN B 142 -42.45 -7.57 26.52
N LEU B 143 -42.30 -7.30 25.22
CA LEU B 143 -43.39 -7.45 24.27
C LEU B 143 -43.20 -8.65 23.35
N ARG B 144 -41.97 -8.96 22.98
CA ARG B 144 -41.66 -10.11 22.13
C ARG B 144 -40.51 -10.91 22.74
N PRO B 145 -40.78 -11.66 23.82
CA PRO B 145 -39.68 -12.35 24.52
C PRO B 145 -39.24 -13.64 23.86
N ALA B 146 -39.89 -14.08 22.79
CA ALA B 146 -39.56 -15.35 22.15
C ALA B 146 -38.58 -15.21 20.99
N GLN B 147 -38.46 -14.03 20.40
CA GLN B 147 -37.57 -13.83 19.27
C GLN B 147 -36.14 -13.61 19.74
N ARG B 148 -35.19 -14.12 18.95
CA ARG B 148 -33.78 -13.99 19.27
C ARG B 148 -33.24 -12.58 19.00
N ALA B 149 -34.00 -11.74 18.31
CA ALA B 149 -33.58 -10.37 18.08
C ALA B 149 -33.84 -9.46 19.26
N SER B 150 -34.73 -9.85 20.17
CA SER B 150 -35.07 -9.03 21.32
C SER B 150 -34.10 -9.20 22.48
N TRP B 151 -33.39 -10.32 22.53
CA TRP B 151 -32.41 -10.55 23.58
C TRP B 151 -31.04 -9.97 23.21
N ILE B 152 -30.59 -10.21 21.99
CA ILE B 152 -29.26 -9.73 21.59
C ILE B 152 -29.27 -8.25 21.27
N GLY B 153 -30.43 -7.64 21.07
CA GLY B 153 -30.49 -6.18 21.00
C GLY B 153 -30.45 -5.55 22.38
N TYR B 154 -30.90 -6.28 23.40
CA TYR B 154 -30.91 -5.78 24.76
C TYR B 154 -29.56 -5.95 25.43
N ALA B 155 -28.76 -6.93 25.00
CA ALA B 155 -27.43 -7.12 25.59
C ALA B 155 -26.40 -6.19 24.98
N ILE B 156 -26.59 -5.79 23.72
CA ILE B 156 -25.68 -4.83 23.10
C ILE B 156 -25.87 -3.45 23.70
N ALA B 157 -27.09 -3.14 24.16
CA ALA B 157 -27.36 -1.87 24.83
C ALA B 157 -26.66 -1.75 26.18
N TYR B 158 -26.18 -2.85 26.75
CA TYR B 158 -25.36 -2.80 27.94
C TYR B 158 -23.86 -2.93 27.65
N HIS B 159 -23.49 -3.51 26.51
CA HIS B 159 -22.07 -3.56 26.14
C HIS B 159 -21.56 -2.21 25.69
N LEU B 160 -22.44 -1.34 25.19
CA LEU B 160 -22.03 -0.01 24.76
C LEU B 160 -22.09 1.02 25.88
N LEU B 161 -22.75 0.70 26.98
CA LEU B 161 -22.75 1.54 28.17
C LEU B 161 -21.62 1.19 29.13
N GLU B 162 -20.72 0.28 28.71
CA GLU B 162 -19.59 -0.24 29.52
C GLU B 162 -20.06 -0.85 30.84
N ASP B 163 -21.26 -1.43 30.82
CA ASP B 163 -21.76 -2.17 31.96
C ASP B 163 -21.67 -3.68 31.64
N TYR B 164 -20.46 -4.21 31.84
CA TYR B 164 -20.15 -5.54 31.38
C TYR B 164 -20.72 -6.65 32.26
N GLU B 165 -20.97 -6.36 33.53
CA GLU B 165 -21.38 -7.39 34.47
C GLU B 165 -22.89 -7.58 34.54
N MET B 166 -23.65 -6.86 33.73
CA MET B 166 -25.04 -7.20 33.47
C MET B 166 -25.26 -7.66 32.04
N ALA B 167 -24.44 -7.22 31.09
CA ALA B 167 -24.48 -7.75 29.73
C ALA B 167 -24.06 -9.21 29.69
N ALA B 168 -23.24 -9.64 30.64
CA ALA B 168 -22.82 -11.04 30.70
C ALA B 168 -23.90 -11.95 31.27
N LYS B 169 -24.91 -11.41 31.93
CA LYS B 169 -25.99 -12.23 32.48
C LYS B 169 -27.25 -12.22 31.62
N ILE B 170 -27.30 -11.39 30.59
CA ILE B 170 -28.35 -11.48 29.58
C ILE B 170 -27.95 -12.41 28.44
N LEU B 171 -26.65 -12.48 28.15
CA LEU B 171 -26.15 -13.45 27.19
C LEU B 171 -26.16 -14.87 27.75
N GLU B 172 -26.26 -15.02 29.07
CA GLU B 172 -26.34 -16.34 29.68
C GLU B 172 -27.76 -16.88 29.70
N GLU B 173 -28.75 -16.03 30.00
CA GLU B 173 -30.14 -16.49 29.97
C GLU B 173 -30.67 -16.60 28.56
N PHE B 174 -29.97 -16.06 27.57
CA PHE B 174 -30.36 -16.26 26.18
C PHE B 174 -29.72 -17.53 25.61
N ARG B 175 -28.52 -17.86 26.10
CA ARG B 175 -27.79 -19.01 25.59
C ARG B 175 -28.46 -20.32 25.97
N LYS B 176 -28.96 -20.43 27.19
CA LYS B 176 -29.55 -21.68 27.65
C LYS B 176 -30.91 -21.96 27.03
N THR B 177 -31.56 -20.96 26.46
CA THR B 177 -32.80 -21.16 25.71
C THR B 177 -32.55 -21.29 24.22
N GLN B 178 -31.31 -21.43 23.81
CA GLN B 178 -30.94 -21.48 22.39
C GLN B 178 -30.43 -22.83 21.94
N GLN B 179 -29.67 -23.54 22.79
CA GLN B 179 -29.17 -24.86 22.43
C GLN B 179 -30.26 -25.92 22.45
N THR B 180 -31.38 -25.66 23.13
CA THR B 180 -32.50 -26.60 23.15
C THR B 180 -33.46 -26.39 21.99
N SER B 181 -33.30 -25.31 21.22
CA SER B 181 -34.19 -25.01 20.11
C SER B 181 -33.93 -25.96 18.95
N PRO B 182 -34.97 -26.40 18.23
CA PRO B 182 -34.76 -27.32 17.11
C PRO B 182 -34.26 -26.65 15.84
N ASP B 183 -34.33 -25.32 15.75
CA ASP B 183 -33.85 -24.59 14.58
C ASP B 183 -32.46 -24.03 14.80
N LYS B 184 -31.64 -24.75 15.55
CA LYS B 184 -30.29 -24.30 15.85
C LYS B 184 -29.38 -24.44 14.65
N VAL B 185 -28.51 -23.45 14.46
CA VAL B 185 -27.47 -23.47 13.44
C VAL B 185 -26.13 -23.56 14.16
N ASP B 186 -25.20 -24.33 13.59
CA ASP B 186 -23.88 -24.49 14.20
C ASP B 186 -23.05 -23.22 14.13
N TYR B 187 -23.27 -22.37 13.13
CA TYR B 187 -22.48 -21.14 13.02
C TYR B 187 -23.08 -19.99 13.82
N GLU B 188 -24.40 -19.87 13.88
CA GLU B 188 -25.03 -18.80 14.63
C GLU B 188 -24.97 -19.03 16.14
N TYR B 189 -24.59 -20.23 16.57
CA TYR B 189 -24.43 -20.54 17.98
C TYR B 189 -22.98 -20.46 18.44
N SER B 190 -22.03 -20.71 17.54
CA SER B 190 -20.63 -20.52 17.89
C SER B 190 -20.27 -19.05 17.96
N GLU B 191 -20.96 -18.21 17.19
CA GLU B 191 -20.74 -16.77 17.22
C GLU B 191 -21.41 -16.11 18.42
N LEU B 192 -22.27 -16.82 19.13
CA LEU B 192 -22.83 -16.29 20.37
C LEU B 192 -21.92 -16.59 21.55
N LEU B 193 -21.30 -17.77 21.56
CA LEU B 193 -20.37 -18.11 22.63
C LEU B 193 -19.08 -17.30 22.52
N LEU B 194 -18.63 -17.03 21.29
CA LEU B 194 -17.42 -16.25 21.09
C LEU B 194 -17.63 -14.78 21.41
N TYR B 195 -18.87 -14.30 21.41
CA TYR B 195 -19.19 -12.95 21.86
C TYR B 195 -19.43 -12.90 23.36
N GLN B 196 -20.03 -13.96 23.91
CA GLN B 196 -20.21 -14.05 25.36
C GLN B 196 -18.87 -14.19 26.07
N ASN B 197 -17.92 -14.86 25.43
CA ASN B 197 -16.57 -14.94 25.98
C ASN B 197 -15.84 -13.61 25.94
N GLN B 198 -16.25 -12.69 25.06
CA GLN B 198 -15.59 -11.40 24.92
C GLN B 198 -16.07 -10.40 25.97
N VAL B 199 -17.34 -10.48 26.38
CA VAL B 199 -17.83 -9.64 27.47
C VAL B 199 -17.18 -10.03 28.79
N LEU B 200 -16.91 -11.33 28.95
CA LEU B 200 -16.24 -11.81 30.17
C LEU B 200 -14.79 -11.34 30.23
N ARG B 201 -14.17 -11.06 29.09
CA ARG B 201 -12.79 -10.60 29.08
C ARG B 201 -12.68 -9.10 29.24
N GLU B 202 -13.67 -8.34 28.77
CA GLU B 202 -13.67 -6.90 28.94
C GLU B 202 -14.03 -6.49 30.36
N ALA B 203 -14.71 -7.37 31.11
CA ALA B 203 -15.02 -7.10 32.50
C ALA B 203 -13.84 -7.35 33.43
N GLY B 204 -12.73 -7.86 32.91
CA GLY B 204 -11.58 -8.21 33.72
C GLY B 204 -11.63 -9.59 34.32
N LEU B 205 -12.67 -10.38 34.03
CA LEU B 205 -12.86 -11.69 34.64
C LEU B 205 -12.09 -12.74 33.82
N TYR B 206 -10.76 -12.67 33.93
CA TYR B 206 -9.87 -13.53 33.16
C TYR B 206 -9.87 -14.97 33.68
N ARG B 207 -10.35 -15.22 34.89
CA ARG B 207 -10.34 -16.57 35.42
C ARG B 207 -11.54 -17.37 34.92
N GLU B 208 -12.74 -16.80 35.01
CA GLU B 208 -13.96 -17.48 34.60
C GLU B 208 -14.26 -17.33 33.12
N ALA B 209 -13.38 -16.65 32.37
CA ALA B 209 -13.49 -16.66 30.92
C ALA B 209 -12.76 -17.85 30.33
N LEU B 210 -11.63 -18.23 30.94
CA LEU B 210 -10.93 -19.44 30.54
C LEU B 210 -11.71 -20.68 30.93
N GLU B 211 -12.44 -20.63 32.05
CA GLU B 211 -13.31 -21.72 32.43
C GLU B 211 -14.51 -21.81 31.50
N HIS B 212 -15.02 -20.67 31.04
CA HIS B 212 -16.12 -20.66 30.08
C HIS B 212 -15.67 -21.11 28.70
N LEU B 213 -14.41 -20.84 28.36
CA LEU B 213 -13.91 -21.22 27.03
C LEU B 213 -13.62 -22.71 26.95
N CYS B 214 -13.02 -23.28 27.99
CA CYS B 214 -12.64 -24.69 27.99
C CYS B 214 -13.83 -25.64 28.08
N THR B 215 -15.00 -25.15 28.47
CA THR B 215 -16.22 -25.94 28.44
C THR B 215 -16.80 -26.06 27.05
N TYR B 216 -16.84 -24.95 26.31
CA TYR B 216 -17.57 -24.87 25.04
C TYR B 216 -16.65 -24.87 23.82
N GLU B 217 -15.38 -25.22 23.98
CA GLU B 217 -14.43 -25.10 22.87
C GLU B 217 -14.63 -26.14 21.78
N LYS B 218 -15.48 -27.16 22.00
CA LYS B 218 -15.76 -28.13 20.95
C LYS B 218 -17.06 -27.85 20.23
N GLN B 219 -17.83 -26.87 20.68
CA GLN B 219 -19.03 -26.42 19.98
C GLN B 219 -18.79 -25.18 19.14
N ILE B 220 -17.55 -24.72 19.02
CA ILE B 220 -17.23 -23.49 18.31
C ILE B 220 -16.50 -23.84 17.03
N CYS B 221 -17.01 -23.33 15.90
CA CYS B 221 -16.41 -23.58 14.59
C CYS B 221 -15.10 -22.83 14.39
N ASP B 222 -15.04 -21.58 14.82
CA ASP B 222 -13.84 -20.76 14.67
C ASP B 222 -12.77 -21.23 15.65
N LYS B 223 -11.83 -22.04 15.17
CA LYS B 223 -10.73 -22.47 16.02
C LYS B 223 -9.59 -21.46 16.06
N LEU B 224 -9.62 -20.43 15.22
CA LEU B 224 -8.62 -19.39 15.32
C LEU B 224 -8.93 -18.43 16.47
N ALA B 225 -10.20 -18.07 16.64
CA ALA B 225 -10.57 -17.19 17.74
C ALA B 225 -10.56 -17.90 19.07
N VAL B 226 -10.71 -19.22 19.08
CA VAL B 226 -10.66 -19.97 20.33
C VAL B 226 -9.23 -20.07 20.82
N GLU B 227 -8.28 -20.34 19.92
CA GLU B 227 -6.89 -20.49 20.33
C GLU B 227 -6.23 -19.16 20.66
N GLU B 228 -6.64 -18.06 20.01
CA GLU B 228 -6.03 -16.77 20.29
C GLU B 228 -6.45 -16.17 21.61
N THR B 229 -7.68 -16.42 22.05
CA THR B 229 -8.07 -15.94 23.38
C THR B 229 -7.53 -16.86 24.46
N LYS B 230 -7.44 -18.16 24.17
CA LYS B 230 -6.87 -19.10 25.13
C LYS B 230 -5.37 -18.88 25.29
N GLY B 231 -4.68 -18.47 24.22
CA GLY B 231 -3.27 -18.14 24.36
C GLY B 231 -3.05 -16.84 25.09
N GLU B 232 -4.03 -15.95 25.06
CA GLU B 232 -3.94 -14.68 25.76
C GLU B 232 -4.28 -14.82 27.24
N LEU B 233 -5.28 -15.65 27.54
CA LEU B 233 -5.70 -15.84 28.92
C LEU B 233 -4.70 -16.63 29.72
N LEU B 234 -3.94 -17.51 29.09
CA LEU B 234 -2.92 -18.27 29.78
C LEU B 234 -1.64 -17.47 30.02
N LEU B 235 -1.57 -16.23 29.54
CA LEU B 235 -0.49 -15.32 29.88
C LEU B 235 -0.83 -14.42 31.06
N GLN B 236 -2.09 -14.01 31.18
CA GLN B 236 -2.48 -13.15 32.28
C GLN B 236 -2.77 -13.94 33.55
N LEU B 237 -2.78 -15.26 33.49
CA LEU B 237 -2.95 -16.11 34.66
C LEU B 237 -1.67 -16.79 35.09
N CYS B 238 -0.54 -16.47 34.42
CA CYS B 238 0.80 -16.99 34.71
C CYS B 238 0.83 -18.52 34.64
N ARG B 239 0.48 -19.00 33.44
CA ARG B 239 0.48 -20.42 33.11
C ARG B 239 1.29 -20.64 31.84
N LEU B 240 2.53 -20.12 31.85
CA LEU B 240 3.33 -20.00 30.64
C LEU B 240 3.83 -21.32 30.09
N GLU B 241 3.68 -22.42 30.82
CA GLU B 241 4.03 -23.71 30.25
C GLU B 241 2.96 -24.20 29.29
N ASP B 242 1.69 -24.04 29.67
CA ASP B 242 0.58 -24.38 28.79
C ASP B 242 0.32 -23.33 27.74
N ALA B 243 0.85 -22.12 27.92
CA ALA B 243 0.63 -21.03 26.97
C ALA B 243 1.54 -21.14 25.76
N ALA B 244 2.76 -21.64 25.94
CA ALA B 244 3.69 -21.78 24.82
C ALA B 244 3.34 -22.94 23.92
N ASP B 245 2.49 -23.86 24.37
CA ASP B 245 1.98 -24.93 23.51
C ASP B 245 0.70 -24.53 22.79
N VAL B 246 0.12 -23.39 23.13
CA VAL B 246 -0.92 -22.79 22.32
C VAL B 246 -0.33 -21.96 21.19
N TYR B 247 0.69 -21.15 21.52
CA TYR B 247 1.32 -20.28 20.54
C TYR B 247 2.18 -21.02 19.54
N ARG B 248 2.59 -22.25 19.84
CA ARG B 248 3.25 -23.08 18.83
C ARG B 248 2.23 -23.71 17.89
N GLY B 249 0.99 -23.87 18.32
CA GLY B 249 -0.06 -24.40 17.48
C GLY B 249 -0.65 -23.32 16.59
N LEU B 250 -0.71 -22.09 17.12
CA LEU B 250 -1.11 -20.96 16.30
C LEU B 250 -0.06 -20.64 15.25
N GLN B 251 1.21 -20.86 15.57
CA GLN B 251 2.29 -20.55 14.64
C GLN B 251 2.35 -21.54 13.50
N GLU B 252 1.80 -22.75 13.69
CA GLU B 252 1.79 -23.71 12.60
C GLU B 252 0.66 -23.42 11.63
N ARG B 253 -0.43 -22.84 12.14
CA ARG B 253 -1.54 -22.43 11.27
C ARG B 253 -1.13 -21.25 10.40
N ASN B 254 -0.54 -20.22 11.01
CA ASN B 254 -0.12 -19.01 10.30
C ASN B 254 1.29 -18.65 10.78
N PRO B 255 2.33 -19.04 10.05
CA PRO B 255 3.69 -18.66 10.44
C PRO B 255 4.09 -17.27 9.97
N GLU B 256 3.12 -16.44 9.59
CA GLU B 256 3.37 -15.09 9.11
C GLU B 256 2.76 -14.02 10.01
N ASN B 257 2.23 -14.40 11.16
CA ASN B 257 1.63 -13.45 12.08
C ASN B 257 2.66 -13.06 13.13
N TRP B 258 2.79 -11.76 13.38
CA TRP B 258 3.78 -11.27 14.32
C TRP B 258 3.34 -11.42 15.77
N ALA B 259 2.04 -11.55 16.01
CA ALA B 259 1.53 -11.67 17.36
C ALA B 259 1.79 -13.04 17.96
N TYR B 260 2.16 -14.03 17.17
CA TYR B 260 2.39 -15.37 17.66
C TYR B 260 3.85 -15.60 18.04
N TYR B 261 4.73 -14.68 17.71
CA TYR B 261 6.12 -14.72 18.16
C TYR B 261 6.36 -13.87 19.39
N LYS B 262 5.60 -12.78 19.55
CA LYS B 262 5.67 -12.02 20.77
C LYS B 262 4.98 -12.75 21.93
N GLY B 263 4.04 -13.63 21.64
CA GLY B 263 3.47 -14.46 22.68
C GLY B 263 4.37 -15.60 23.08
N LEU B 264 5.23 -16.06 22.16
CA LEU B 264 6.20 -17.09 22.50
C LEU B 264 7.34 -16.51 23.32
N GLU B 265 7.77 -15.28 23.01
CA GLU B 265 8.77 -14.61 23.81
C GLU B 265 8.24 -14.21 25.18
N LYS B 266 6.93 -14.07 25.33
CA LYS B 266 6.35 -13.76 26.62
C LYS B 266 6.08 -15.01 27.46
N ALA B 267 6.11 -16.19 26.85
CA ALA B 267 5.86 -17.44 27.56
C ALA B 267 7.13 -18.21 27.85
N LEU B 268 8.03 -18.32 26.87
CA LEU B 268 9.33 -18.95 27.13
C LEU B 268 10.21 -18.06 27.99
N LYS B 269 10.09 -16.74 27.85
CA LYS B 269 10.83 -15.69 28.53
C LYS B 269 12.35 -15.89 28.41
N PRO B 270 12.94 -15.63 27.25
CA PRO B 270 14.38 -15.81 27.10
C PRO B 270 15.16 -14.76 27.89
N ALA B 271 16.43 -15.10 28.18
CA ALA B 271 17.27 -14.22 28.99
C ALA B 271 18.25 -13.41 28.14
N ASN B 272 19.05 -14.08 27.32
CA ASN B 272 20.07 -13.42 26.53
C ASN B 272 19.69 -13.45 25.05
N MET B 273 20.61 -12.97 24.22
CA MET B 273 20.36 -12.91 22.79
C MET B 273 20.52 -14.27 22.12
N LEU B 274 21.12 -15.23 22.82
CA LEU B 274 21.44 -16.50 22.17
C LEU B 274 20.24 -17.45 22.20
N GLU B 275 19.46 -17.42 23.28
CA GLU B 275 18.32 -18.31 23.37
C GLU B 275 17.04 -17.62 22.92
N ARG B 276 17.10 -16.30 22.75
CA ARG B 276 16.00 -15.60 22.08
C ARG B 276 15.98 -15.93 20.60
N LEU B 277 17.15 -16.19 20.01
CA LEU B 277 17.22 -16.53 18.61
C LEU B 277 16.68 -17.93 18.34
N LYS B 278 16.68 -18.78 19.38
CA LYS B 278 16.27 -20.17 19.19
C LYS B 278 14.76 -20.29 19.02
N ILE B 279 14.00 -19.26 19.40
CA ILE B 279 12.59 -19.22 19.09
C ILE B 279 12.38 -19.08 17.59
N TYR B 280 13.19 -18.24 16.95
CA TYR B 280 13.05 -18.01 15.52
C TYR B 280 13.85 -19.03 14.71
N GLU B 281 14.91 -19.59 15.30
CA GLU B 281 15.75 -20.52 14.56
C GLU B 281 15.06 -21.87 14.38
N GLU B 282 14.12 -22.20 15.28
CA GLU B 282 13.32 -23.41 15.11
C GLU B 282 12.35 -23.27 13.95
N ALA B 283 11.89 -22.05 13.70
CA ALA B 283 10.85 -21.83 12.69
C ALA B 283 11.43 -21.81 11.28
N TRP B 284 12.75 -21.70 11.15
CA TRP B 284 13.38 -21.78 9.84
C TRP B 284 13.37 -23.21 9.33
N THR B 285 13.75 -24.16 10.19
CA THR B 285 13.84 -25.55 9.77
C THR B 285 12.47 -26.19 9.65
N LYS B 286 11.49 -25.66 10.37
CA LYS B 286 10.14 -26.21 10.39
C LYS B 286 9.24 -25.61 9.31
N TYR B 287 9.52 -24.38 8.90
CA TYR B 287 8.76 -23.68 7.87
C TYR B 287 9.74 -23.05 6.89
N PRO B 288 10.18 -23.79 5.87
CA PRO B 288 11.22 -23.27 4.97
C PRO B 288 10.74 -22.23 3.97
N ARG B 289 9.44 -21.93 3.93
CA ARG B 289 8.92 -20.90 3.04
C ARG B 289 8.55 -19.62 3.77
N GLY B 290 8.65 -19.59 5.10
CA GLY B 290 8.26 -18.42 5.84
C GLY B 290 9.29 -17.30 5.72
N LEU B 291 8.78 -16.08 5.57
CA LEU B 291 9.63 -14.90 5.46
C LEU B 291 9.73 -14.12 6.75
N VAL B 292 8.65 -14.07 7.53
CA VAL B 292 8.62 -13.48 8.87
C VAL B 292 9.67 -14.06 9.84
N PRO B 293 9.87 -15.38 10.01
CA PRO B 293 10.87 -15.82 10.99
C PRO B 293 12.31 -15.60 10.59
N ARG B 294 12.58 -15.21 9.35
CA ARG B 294 13.94 -14.92 8.92
C ARG B 294 14.24 -13.42 8.91
N ARG B 295 13.24 -12.59 9.13
CA ARG B 295 13.35 -11.13 9.09
C ARG B 295 13.28 -10.51 10.49
N LEU B 296 12.50 -11.10 11.39
CA LEU B 296 12.43 -10.58 12.76
C LEU B 296 13.70 -10.74 13.60
N PRO B 297 14.58 -11.74 13.42
CA PRO B 297 15.90 -11.68 14.08
C PRO B 297 16.76 -10.49 13.71
N LEU B 298 16.57 -9.91 12.52
CA LEU B 298 17.39 -8.78 12.11
C LEU B 298 17.08 -7.51 12.90
N ASN B 299 15.94 -7.47 13.60
CA ASN B 299 15.59 -6.31 14.39
C ASN B 299 16.36 -6.21 15.70
N PHE B 300 16.87 -7.33 16.23
CA PHE B 300 17.55 -7.30 17.52
C PHE B 300 18.95 -7.88 17.55
N LEU B 301 19.41 -8.53 16.49
CA LEU B 301 20.79 -8.98 16.46
C LEU B 301 21.72 -7.80 16.22
N SER B 302 22.99 -7.99 16.55
CA SER B 302 23.97 -6.92 16.41
C SER B 302 25.36 -7.51 16.26
N GLY B 303 26.15 -6.92 15.38
CA GLY B 303 27.56 -7.27 15.25
C GLY B 303 27.76 -8.37 14.22
N GLU B 304 28.49 -9.42 14.61
CA GLU B 304 28.81 -10.51 13.69
C GLU B 304 27.65 -11.48 13.58
N LYS B 305 26.84 -11.62 14.64
CA LYS B 305 25.65 -12.44 14.55
C LYS B 305 24.58 -11.81 13.65
N PHE B 306 24.57 -10.48 13.56
CA PHE B 306 23.67 -9.81 12.61
C PHE B 306 24.13 -10.03 11.18
N LYS B 307 25.45 -10.06 10.96
CA LYS B 307 25.98 -10.08 9.60
C LYS B 307 25.75 -11.42 8.93
N GLU B 308 26.01 -12.52 9.64
CA GLU B 308 25.81 -13.84 9.05
C GLU B 308 24.36 -14.26 9.01
N CYS B 309 23.48 -13.60 9.75
CA CYS B 309 22.05 -13.84 9.64
C CYS B 309 21.40 -13.00 8.55
N LEU B 310 21.91 -11.79 8.32
CA LEU B 310 21.48 -10.99 7.18
C LEU B 310 22.01 -11.58 5.88
N ASP B 311 23.18 -12.22 5.93
CA ASP B 311 23.79 -12.78 4.72
C ASP B 311 22.98 -13.93 4.15
N LYS B 312 22.43 -14.78 5.01
CA LYS B 312 21.55 -15.83 4.52
C LYS B 312 20.16 -15.34 4.19
N PHE B 313 19.83 -14.09 4.53
CA PHE B 313 18.57 -13.50 4.12
C PHE B 313 18.66 -12.88 2.73
N LEU B 314 19.78 -12.27 2.39
CA LEU B 314 19.93 -11.61 1.10
C LEU B 314 20.25 -12.58 -0.02
N ARG B 315 20.97 -13.67 0.25
CA ARG B 315 21.22 -14.66 -0.78
C ARG B 315 19.97 -15.47 -1.10
N MET B 316 19.04 -15.56 -0.15
CA MET B 316 17.80 -16.28 -0.38
C MET B 316 16.87 -15.47 -1.28
N ASN B 317 16.87 -14.15 -1.13
CA ASN B 317 15.96 -13.30 -1.88
C ASN B 317 16.52 -12.82 -3.20
N PHE B 318 17.85 -12.80 -3.37
CA PHE B 318 18.41 -12.41 -4.65
C PHE B 318 18.35 -13.55 -5.65
N SER B 319 18.59 -14.79 -5.19
CA SER B 319 18.50 -15.95 -6.06
C SER B 319 17.06 -16.29 -6.41
N LYS B 320 16.11 -15.95 -5.55
CA LYS B 320 14.70 -16.16 -5.85
C LYS B 320 14.15 -15.08 -6.78
N GLY B 321 14.60 -13.85 -6.61
CA GLY B 321 14.16 -12.76 -7.46
C GLY B 321 12.99 -11.99 -6.89
N CYS B 322 13.11 -11.56 -5.63
CA CYS B 322 12.06 -10.77 -5.00
C CYS B 322 12.39 -9.30 -5.13
N PRO B 323 11.55 -8.50 -5.77
CA PRO B 323 11.79 -7.05 -5.84
C PRO B 323 11.65 -6.32 -4.51
N PRO B 324 10.71 -6.64 -3.61
CA PRO B 324 10.74 -5.94 -2.31
C PRO B 324 11.73 -6.47 -1.28
N VAL B 325 12.98 -6.74 -1.65
CA VAL B 325 13.98 -7.09 -0.66
C VAL B 325 14.42 -5.82 0.09
N PHE B 326 14.25 -4.66 -0.54
CA PHE B 326 14.53 -3.40 0.14
C PHE B 326 13.38 -2.97 1.03
N ASN B 327 12.14 -3.21 0.61
CA ASN B 327 10.99 -2.69 1.32
C ASN B 327 10.74 -3.44 2.62
N THR B 328 11.31 -4.64 2.74
CA THR B 328 11.28 -5.34 4.01
C THR B 328 12.33 -4.79 4.97
N LEU B 329 13.54 -4.51 4.44
CA LEU B 329 14.66 -4.13 5.30
C LEU B 329 14.69 -2.63 5.55
N ARG B 330 13.65 -1.90 5.17
CA ARG B 330 13.69 -0.45 5.22
C ARG B 330 13.53 0.06 6.66
N SER B 331 12.94 -0.77 7.52
CA SER B 331 12.66 -0.31 8.88
C SER B 331 13.91 -0.27 9.73
N LEU B 332 14.90 -1.12 9.44
CA LEU B 332 16.14 -1.13 10.20
C LEU B 332 17.24 -0.30 9.56
N TYR B 333 16.85 0.77 8.86
CA TYR B 333 17.81 1.67 8.19
C TYR B 333 18.14 2.89 9.06
N LYS B 334 17.41 3.09 10.16
CA LYS B 334 17.69 4.22 11.09
C LYS B 334 18.67 3.74 12.16
N ASP B 335 19.95 3.61 11.78
CA ASP B 335 21.04 3.09 12.58
C ASP B 335 22.26 3.36 11.72
N LYS B 336 23.41 3.68 12.29
CA LYS B 336 24.53 3.99 11.42
C LYS B 336 25.42 2.77 11.44
N GLU B 337 25.25 1.89 12.44
CA GLU B 337 26.05 0.67 12.48
C GLU B 337 25.52 -0.36 11.49
N LYS B 338 24.19 -0.52 11.42
CA LYS B 338 23.60 -1.59 10.62
C LYS B 338 23.60 -1.25 9.13
N VAL B 339 23.59 0.03 8.77
CA VAL B 339 23.64 0.42 7.36
C VAL B 339 25.00 0.09 6.75
N ALA B 340 26.08 0.31 7.50
CA ALA B 340 27.41 0.01 7.01
C ALA B 340 27.69 -1.48 6.88
N ILE B 341 26.87 -2.33 7.51
CA ILE B 341 26.98 -3.77 7.27
C ILE B 341 26.28 -4.16 5.98
N ILE B 342 25.11 -3.60 5.71
CA ILE B 342 24.41 -3.87 4.45
C ILE B 342 25.16 -3.24 3.27
N GLU B 343 25.77 -2.08 3.49
CA GLU B 343 26.45 -1.38 2.39
C GLU B 343 27.70 -2.11 1.96
N GLU B 344 28.38 -2.79 2.89
CA GLU B 344 29.58 -3.55 2.53
C GLU B 344 29.24 -4.94 2.03
N LEU B 345 28.08 -5.47 2.43
CA LEU B 345 27.71 -6.83 2.03
C LEU B 345 27.24 -6.88 0.58
N VAL B 346 26.33 -5.99 0.20
CA VAL B 346 25.74 -6.03 -1.13
C VAL B 346 26.72 -5.52 -2.18
N VAL B 347 27.59 -4.58 -1.83
CA VAL B 347 28.64 -4.15 -2.75
C VAL B 347 29.66 -5.27 -2.93
N GLY B 348 29.88 -6.08 -1.90
CA GLY B 348 30.68 -7.27 -2.09
C GLY B 348 30.00 -8.33 -2.92
N TYR B 349 28.67 -8.40 -2.86
CA TYR B 349 27.92 -9.28 -3.74
C TYR B 349 28.02 -8.81 -5.19
N GLU B 350 27.79 -7.51 -5.42
CA GLU B 350 27.79 -6.93 -6.75
C GLU B 350 29.15 -6.98 -7.42
N THR B 351 30.23 -7.03 -6.65
CA THR B 351 31.56 -7.09 -7.25
C THR B 351 31.87 -8.49 -7.76
N SER B 352 31.57 -9.51 -6.97
CA SER B 352 31.86 -10.88 -7.39
C SER B 352 30.84 -11.45 -8.36
N LEU B 353 29.62 -10.92 -8.38
CA LEU B 353 28.61 -11.43 -9.29
C LEU B 353 28.85 -11.03 -10.74
N LYS B 354 29.65 -10.00 -10.99
CA LYS B 354 30.04 -9.65 -12.35
C LYS B 354 31.48 -10.02 -12.63
N SER B 355 32.04 -10.93 -11.85
CA SER B 355 33.37 -11.46 -12.14
C SER B 355 33.45 -12.98 -12.09
N CYS B 356 32.62 -13.65 -11.28
CA CYS B 356 32.63 -15.11 -11.24
C CYS B 356 31.24 -15.72 -11.12
N ARG B 357 30.18 -14.93 -11.24
CA ARG B 357 28.77 -15.37 -11.15
C ARG B 357 28.47 -16.08 -9.84
N LEU B 358 29.03 -15.57 -8.75
CA LEU B 358 28.81 -16.14 -7.43
C LEU B 358 28.64 -15.00 -6.43
N PHE B 359 28.03 -15.31 -5.29
CA PHE B 359 27.87 -14.31 -4.24
C PHE B 359 29.19 -14.01 -3.54
N ASN B 360 30.02 -15.03 -3.34
CA ASN B 360 31.32 -14.92 -2.71
C ASN B 360 32.31 -15.53 -3.68
N PRO B 361 33.55 -15.07 -3.72
CA PRO B 361 34.52 -15.71 -4.62
C PRO B 361 35.09 -17.00 -4.08
N ASN B 362 34.66 -17.42 -2.89
CA ASN B 362 35.22 -18.58 -2.22
C ASN B 362 34.23 -19.73 -2.01
N ASP B 363 32.93 -19.48 -1.98
CA ASP B 363 32.00 -20.56 -1.71
C ASP B 363 31.79 -21.42 -2.96
N ASP B 364 31.50 -22.70 -2.72
CA ASP B 364 31.46 -23.71 -3.78
C ASP B 364 30.01 -24.14 -3.98
N GLY B 365 29.31 -23.45 -4.88
CA GLY B 365 28.01 -23.86 -5.34
C GLY B 365 27.97 -23.75 -6.85
N LYS B 366 26.79 -23.89 -7.45
CA LYS B 366 26.69 -23.68 -8.89
C LYS B 366 26.54 -22.19 -9.18
N GLU B 367 26.87 -21.81 -10.41
CA GLU B 367 26.90 -20.41 -10.81
C GLU B 367 25.49 -19.82 -10.88
N GLU B 368 25.43 -18.51 -11.03
CA GLU B 368 24.20 -17.77 -10.90
C GLU B 368 23.67 -17.35 -12.26
N PRO B 369 22.35 -17.21 -12.40
CA PRO B 369 21.78 -16.64 -13.63
C PRO B 369 22.11 -15.15 -13.73
N PRO B 370 21.95 -14.53 -14.90
CA PRO B 370 22.16 -13.07 -15.00
C PRO B 370 21.11 -12.25 -14.28
N THR B 371 20.04 -12.87 -13.82
CA THR B 371 18.99 -12.20 -13.06
C THR B 371 19.48 -11.78 -11.69
N THR B 372 20.47 -12.48 -11.13
CA THR B 372 20.92 -12.21 -9.76
C THR B 372 21.72 -10.91 -9.67
N LEU B 373 22.54 -10.63 -10.68
CA LEU B 373 23.26 -9.36 -10.71
C LEU B 373 22.32 -8.19 -10.97
N LEU B 374 21.19 -8.45 -11.64
CA LEU B 374 20.23 -7.39 -11.89
C LEU B 374 19.52 -6.97 -10.60
N TRP B 375 19.34 -7.89 -9.67
CA TRP B 375 18.64 -7.56 -8.44
C TRP B 375 19.54 -7.05 -7.34
N VAL B 376 20.86 -7.15 -7.47
CA VAL B 376 21.74 -6.50 -6.50
C VAL B 376 21.95 -5.03 -6.87
N GLN B 377 21.91 -4.73 -8.18
CA GLN B 377 21.98 -3.34 -8.61
C GLN B 377 20.67 -2.63 -8.32
N TYR B 378 19.57 -3.38 -8.31
CA TYR B 378 18.28 -2.84 -7.92
C TYR B 378 18.21 -2.55 -6.43
N TYR B 379 18.98 -3.26 -5.61
CA TYR B 379 19.04 -2.94 -4.19
C TYR B 379 19.90 -1.70 -3.93
N LEU B 380 21.07 -1.64 -4.56
CA LEU B 380 21.98 -0.52 -4.38
C LEU B 380 21.55 0.72 -5.15
N ALA B 381 20.45 0.69 -5.89
CA ALA B 381 19.87 1.91 -6.41
C ALA B 381 18.91 2.53 -5.40
N GLN B 382 18.20 1.71 -4.65
CA GLN B 382 17.36 2.22 -3.57
C GLN B 382 18.15 2.44 -2.29
N HIS B 383 19.34 1.84 -2.19
CA HIS B 383 20.14 2.01 -0.98
C HIS B 383 20.72 3.40 -0.90
N TYR B 384 21.43 3.84 -1.94
CA TYR B 384 22.01 5.17 -1.97
C TYR B 384 20.97 6.27 -2.14
N ASP B 385 19.76 5.93 -2.57
CA ASP B 385 18.66 6.89 -2.55
C ASP B 385 18.20 7.15 -1.12
N LYS B 386 18.23 6.12 -0.28
CA LYS B 386 17.87 6.28 1.12
C LYS B 386 18.96 7.03 1.89
N ILE B 387 20.22 6.81 1.50
CA ILE B 387 21.33 7.50 2.16
C ILE B 387 21.32 8.98 1.81
N GLY B 388 21.05 9.30 0.55
CA GLY B 388 21.02 10.68 0.12
C GLY B 388 22.12 10.98 -0.87
N GLN B 389 22.48 9.99 -1.69
CA GLN B 389 23.48 10.13 -2.74
C GLN B 389 22.84 9.79 -4.08
N PRO B 390 22.05 10.71 -4.65
CA PRO B 390 21.31 10.36 -5.88
C PRO B 390 22.16 10.31 -7.14
N SER B 391 23.43 10.68 -7.07
CA SER B 391 24.30 10.50 -8.22
C SER B 391 24.68 9.04 -8.40
N ILE B 392 24.86 8.31 -7.31
CA ILE B 392 25.19 6.90 -7.40
C ILE B 392 23.94 6.05 -7.53
N ALA B 393 22.81 6.51 -6.99
CA ALA B 393 21.55 5.81 -7.16
C ALA B 393 21.09 5.82 -8.60
N LEU B 394 21.33 6.92 -9.32
CA LEU B 394 21.00 6.97 -10.74
C LEU B 394 21.99 6.19 -11.57
N GLU B 395 23.24 6.07 -11.12
CA GLU B 395 24.26 5.36 -11.89
C GLU B 395 24.03 3.87 -11.86
N TYR B 396 23.58 3.33 -10.72
CA TYR B 396 23.25 1.92 -10.63
C TYR B 396 21.98 1.58 -11.37
N ILE B 397 20.97 2.44 -11.30
CA ILE B 397 19.70 2.12 -11.93
C ILE B 397 19.76 2.28 -13.44
N ASN B 398 20.72 3.04 -13.98
CA ASN B 398 20.83 3.14 -15.42
C ASN B 398 21.59 1.96 -16.00
N THR B 399 22.50 1.36 -15.24
CA THR B 399 23.17 0.14 -15.67
C THR B 399 22.19 -1.04 -15.69
N ALA B 400 21.21 -1.06 -14.79
CA ALA B 400 20.21 -2.11 -14.80
C ALA B 400 19.25 -1.96 -15.98
N ILE B 401 18.90 -0.72 -16.33
CA ILE B 401 17.97 -0.48 -17.42
C ILE B 401 18.62 -0.79 -18.76
N GLU B 402 19.94 -0.62 -18.88
CA GLU B 402 20.63 -0.99 -20.10
C GLU B 402 20.79 -2.50 -20.28
N SER B 403 20.39 -3.30 -19.30
CA SER B 403 20.33 -4.75 -19.48
C SER B 403 18.92 -5.18 -19.89
N THR B 404 17.93 -4.91 -19.04
CA THR B 404 16.54 -5.30 -19.29
C THR B 404 15.69 -4.05 -19.43
N PRO B 405 15.47 -3.55 -20.65
CA PRO B 405 14.70 -2.32 -20.83
C PRO B 405 13.19 -2.50 -20.77
N THR B 406 12.68 -3.69 -20.49
CA THR B 406 11.24 -3.92 -20.39
C THR B 406 10.82 -4.38 -19.01
N LEU B 407 11.63 -4.14 -18.00
CA LEU B 407 11.29 -4.45 -16.61
C LEU B 407 10.70 -3.20 -15.96
N ILE B 408 9.44 -3.30 -15.55
CA ILE B 408 8.67 -2.14 -15.13
C ILE B 408 9.17 -1.61 -13.78
N GLU B 409 9.68 -2.49 -12.93
CA GLU B 409 10.16 -2.09 -11.60
C GLU B 409 11.42 -1.24 -11.67
N LEU B 410 12.15 -1.27 -12.78
CA LEU B 410 13.30 -0.40 -12.93
C LEU B 410 12.93 1.04 -13.22
N PHE B 411 11.71 1.29 -13.73
CA PHE B 411 11.27 2.64 -14.03
C PHE B 411 10.47 3.27 -12.92
N LEU B 412 9.94 2.46 -11.99
CA LEU B 412 9.29 2.98 -10.81
C LEU B 412 10.27 3.45 -9.76
N VAL B 413 11.52 3.00 -9.84
CA VAL B 413 12.57 3.38 -8.89
C VAL B 413 13.36 4.58 -9.40
N LYS B 414 13.61 4.64 -10.71
CA LYS B 414 14.24 5.82 -11.31
C LYS B 414 13.36 7.05 -11.15
N ALA B 415 12.04 6.87 -11.26
CA ALA B 415 11.10 7.93 -10.96
C ALA B 415 10.99 8.22 -9.47
N LYS B 416 11.48 7.34 -8.61
CA LYS B 416 11.46 7.60 -7.18
C LYS B 416 12.75 8.26 -6.71
N ILE B 417 13.84 8.10 -7.46
CA ILE B 417 15.08 8.80 -7.15
C ILE B 417 14.93 10.29 -7.44
N TYR B 418 14.33 10.60 -8.60
CA TYR B 418 14.18 12.00 -9.01
C TYR B 418 13.19 12.75 -8.14
N LYS B 419 12.21 12.05 -7.57
CA LYS B 419 11.28 12.71 -6.66
C LYS B 419 11.96 13.06 -5.35
N HIS B 420 12.84 12.18 -4.86
CA HIS B 420 13.54 12.46 -3.61
C HIS B 420 14.64 13.49 -3.81
N ALA B 421 15.21 13.55 -5.01
CA ALA B 421 16.22 14.54 -5.32
C ALA B 421 15.65 15.91 -5.61
N GLY B 422 14.35 16.01 -5.90
CA GLY B 422 13.67 17.29 -6.05
C GLY B 422 13.10 17.57 -7.42
N ASN B 423 13.14 16.65 -8.36
CA ASN B 423 12.71 16.89 -9.74
C ASN B 423 11.42 16.10 -10.00
N ILE B 424 10.28 16.71 -9.66
CA ILE B 424 9.01 16.02 -9.84
C ILE B 424 8.54 16.05 -11.29
N LYS B 425 9.04 16.98 -12.10
CA LYS B 425 8.69 16.96 -13.52
C LYS B 425 9.47 15.90 -14.27
N GLU B 426 10.70 15.60 -13.83
CA GLU B 426 11.45 14.49 -14.39
C GLU B 426 10.96 13.16 -13.83
N ALA B 427 10.45 13.16 -12.61
CA ALA B 427 9.92 11.93 -12.02
C ALA B 427 8.62 11.51 -12.70
N ALA B 428 7.79 12.47 -13.11
CA ALA B 428 6.56 12.16 -13.82
C ALA B 428 6.81 11.72 -15.25
N ARG B 429 8.01 11.94 -15.78
CA ARG B 429 8.34 11.46 -17.12
C ARG B 429 8.50 9.95 -17.16
N TRP B 430 9.10 9.36 -16.13
CA TRP B 430 9.36 7.94 -16.10
C TRP B 430 8.19 7.12 -15.58
N MET B 431 7.27 7.73 -14.83
CA MET B 431 6.01 7.05 -14.55
C MET B 431 5.16 6.93 -15.80
N ASP B 432 5.28 7.90 -16.72
CA ASP B 432 4.61 7.79 -18.00
C ASP B 432 5.28 6.77 -18.90
N GLU B 433 6.57 6.50 -18.65
CA GLU B 433 7.29 5.51 -19.44
C GLU B 433 6.91 4.09 -19.03
N ALA B 434 6.70 3.86 -17.73
CA ALA B 434 6.47 2.52 -17.22
C ALA B 434 5.09 1.99 -17.54
N GLN B 435 4.08 2.88 -17.57
CA GLN B 435 2.72 2.44 -17.89
C GLN B 435 2.56 2.10 -19.36
N ALA B 436 3.44 2.60 -20.22
CA ALA B 436 3.39 2.27 -21.64
C ALA B 436 3.68 0.80 -21.88
N LEU B 437 4.52 0.19 -21.03
CA LEU B 437 4.90 -1.21 -21.22
C LEU B 437 3.74 -2.15 -20.96
N ASP B 438 3.12 -2.07 -19.79
CA ASP B 438 1.93 -2.87 -19.49
C ASP B 438 0.78 -1.93 -19.16
N THR B 439 -0.32 -2.07 -19.91
CA THR B 439 -1.44 -1.14 -19.84
C THR B 439 -2.68 -1.82 -19.24
N ALA B 440 -2.48 -2.88 -18.46
CA ALA B 440 -3.57 -3.48 -17.70
C ALA B 440 -3.34 -3.42 -16.20
N ASP B 441 -2.10 -3.19 -15.75
CA ASP B 441 -1.79 -3.00 -14.34
C ASP B 441 -2.28 -1.63 -13.91
N ARG B 442 -3.24 -1.58 -13.00
CA ARG B 442 -3.77 -0.31 -12.54
C ARG B 442 -2.87 0.37 -11.51
N PHE B 443 -1.84 -0.32 -11.00
CA PHE B 443 -0.94 0.30 -10.04
C PHE B 443 -0.04 1.33 -10.71
N ILE B 444 0.64 0.93 -11.79
CA ILE B 444 1.53 1.85 -12.49
C ILE B 444 0.77 2.91 -13.28
N ASN B 445 -0.55 2.77 -13.43
CA ASN B 445 -1.42 3.80 -13.98
C ASN B 445 -1.88 4.78 -12.90
N SER B 446 -2.16 4.28 -11.70
CA SER B 446 -2.64 5.17 -10.63
C SER B 446 -1.50 5.93 -9.98
N LYS B 447 -0.29 5.36 -9.95
CA LYS B 447 0.84 6.10 -9.41
C LYS B 447 1.39 7.09 -10.41
N CYS B 448 1.19 6.85 -11.70
CA CYS B 448 1.61 7.81 -12.72
C CYS B 448 0.76 9.06 -12.67
N ALA B 449 -0.55 8.89 -12.52
CA ALA B 449 -1.45 10.03 -12.35
C ALA B 449 -1.16 10.77 -11.05
N LYS B 450 -0.69 10.06 -10.02
CA LYS B 450 -0.31 10.71 -8.78
C LYS B 450 0.93 11.57 -8.95
N TYR B 451 1.84 11.18 -9.83
CA TYR B 451 3.01 11.99 -10.13
C TYR B 451 2.71 13.11 -11.10
N MET B 452 1.66 12.97 -11.92
CA MET B 452 1.24 14.06 -12.77
C MET B 452 0.59 15.16 -11.94
N LEU B 453 -0.19 14.79 -10.93
CA LEU B 453 -0.81 15.78 -10.06
C LEU B 453 0.20 16.49 -9.18
N LYS B 454 1.30 15.84 -8.84
CA LYS B 454 2.33 16.51 -8.06
C LYS B 454 3.14 17.50 -8.88
N ALA B 455 3.13 17.38 -10.20
CA ALA B 455 3.81 18.31 -11.09
C ALA B 455 2.87 19.36 -11.66
N ASN B 456 1.66 19.48 -11.11
CA ASN B 456 0.61 20.43 -11.55
C ASN B 456 0.27 20.23 -13.03
N LEU B 457 -0.26 19.04 -13.32
CA LEU B 457 -0.59 18.60 -14.67
C LEU B 457 -1.97 17.96 -14.66
N ILE B 458 -2.96 18.71 -14.16
CA ILE B 458 -4.28 18.18 -13.81
C ILE B 458 -4.98 17.56 -15.02
N LYS B 459 -4.93 18.24 -16.17
CA LYS B 459 -5.63 17.74 -17.35
C LYS B 459 -4.91 16.54 -17.95
N GLU B 460 -3.59 16.47 -17.78
CA GLU B 460 -2.84 15.30 -18.23
C GLU B 460 -3.11 14.09 -17.36
N ALA B 461 -3.47 14.33 -16.10
CA ALA B 461 -3.74 13.24 -15.17
C ALA B 461 -5.17 12.73 -15.28
N GLU B 462 -6.07 13.57 -15.79
CA GLU B 462 -7.45 13.14 -15.97
C GLU B 462 -7.60 12.21 -17.16
N GLU B 463 -6.80 12.43 -18.21
CA GLU B 463 -6.78 11.51 -19.35
C GLU B 463 -6.05 10.23 -18.98
N MET B 464 -5.28 10.26 -17.90
CA MET B 464 -4.62 9.07 -17.41
C MET B 464 -5.59 8.14 -16.69
N CYS B 465 -6.42 8.69 -15.80
CA CYS B 465 -7.39 7.86 -15.08
C CYS B 465 -8.59 7.53 -15.97
N SER B 466 -8.70 8.18 -17.13
CA SER B 466 -9.74 7.84 -18.09
C SER B 466 -9.45 6.51 -18.78
N LYS B 467 -8.21 6.02 -18.64
CA LYS B 467 -7.81 4.77 -19.27
C LYS B 467 -8.40 3.57 -18.52
N PHE B 468 -8.77 3.76 -17.26
CA PHE B 468 -9.20 2.67 -16.39
C PHE B 468 -10.56 2.90 -15.75
N THR B 469 -11.43 3.70 -16.36
CA THR B 469 -12.72 4.01 -15.78
C THR B 469 -13.85 3.65 -16.74
N ARG B 470 -15.07 3.99 -16.30
CA ARG B 470 -16.31 3.72 -17.03
C ARG B 470 -16.34 4.44 -18.36
N GLU B 471 -17.05 3.87 -19.34
CA GLU B 471 -17.11 4.49 -20.66
C GLU B 471 -18.12 5.63 -20.69
N GLY B 472 -19.26 5.46 -20.03
CA GLY B 472 -20.37 6.38 -20.16
C GLY B 472 -20.34 7.63 -19.30
N THR B 473 -19.21 8.01 -18.75
CA THR B 473 -19.14 9.20 -17.90
C THR B 473 -17.74 9.80 -18.02
N SER B 474 -17.46 10.79 -17.18
CA SER B 474 -16.18 11.46 -17.15
C SER B 474 -15.17 10.66 -16.33
N ALA B 475 -13.95 11.18 -16.26
CA ALA B 475 -12.90 10.51 -15.50
C ALA B 475 -12.87 10.92 -14.04
N VAL B 476 -13.11 12.20 -13.74
CA VAL B 476 -13.15 12.63 -12.35
C VAL B 476 -14.53 12.43 -11.75
N GLU B 477 -15.57 12.40 -12.59
CA GLU B 477 -16.92 12.14 -12.11
C GLU B 477 -17.09 10.68 -11.68
N ASN B 478 -16.39 9.76 -12.33
CA ASN B 478 -16.47 8.35 -11.94
C ASN B 478 -15.73 8.11 -10.63
N LEU B 479 -14.59 8.77 -10.44
CA LEU B 479 -13.82 8.58 -9.22
C LEU B 479 -14.48 9.21 -8.00
N ASN B 480 -15.34 10.21 -8.20
CA ASN B 480 -16.14 10.71 -7.08
C ASN B 480 -17.23 9.72 -6.72
N GLU B 481 -17.77 9.01 -7.72
CA GLU B 481 -18.82 8.05 -7.44
C GLU B 481 -18.24 6.75 -6.86
N MET B 482 -16.97 6.47 -7.13
CA MET B 482 -16.30 5.29 -6.63
C MET B 482 -15.50 5.55 -5.35
N GLN B 483 -15.72 6.71 -4.71
CA GLN B 483 -15.15 7.06 -3.41
C GLN B 483 -13.62 7.07 -3.40
N CYS B 484 -13.03 7.52 -4.50
CA CYS B 484 -11.57 7.53 -4.63
C CYS B 484 -11.03 8.73 -3.87
N MET B 485 -10.59 8.50 -2.64
CA MET B 485 -10.12 9.60 -1.80
C MET B 485 -8.64 9.93 -1.99
N TRP B 486 -7.84 9.03 -2.56
CA TRP B 486 -6.46 9.38 -2.83
C TRP B 486 -6.34 10.31 -4.03
N PHE B 487 -7.31 10.27 -4.95
CA PHE B 487 -7.25 11.15 -6.11
C PHE B 487 -7.80 12.53 -5.81
N GLN B 488 -8.79 12.61 -4.94
CA GLN B 488 -9.39 13.89 -4.57
C GLN B 488 -8.59 14.61 -3.50
N THR B 489 -7.52 14.00 -3.00
CA THR B 489 -6.56 14.64 -2.10
C THR B 489 -5.40 15.25 -2.86
N GLU B 490 -4.83 14.53 -3.82
CA GLU B 490 -3.75 15.09 -4.63
C GLU B 490 -4.25 16.14 -5.60
N CYS B 491 -5.52 16.08 -6.01
CA CYS B 491 -6.11 17.17 -6.77
C CYS B 491 -6.37 18.38 -5.91
N ALA B 492 -6.78 18.16 -4.66
CA ALA B 492 -6.99 19.28 -3.75
C ALA B 492 -5.67 19.94 -3.36
N GLN B 493 -4.59 19.17 -3.30
CA GLN B 493 -3.28 19.71 -2.96
C GLN B 493 -2.65 20.43 -4.14
N ALA B 494 -2.93 19.98 -5.35
CA ALA B 494 -2.30 20.58 -6.53
C ALA B 494 -2.99 21.87 -6.93
N TYR B 495 -4.31 21.94 -6.74
CA TYR B 495 -5.02 23.19 -6.99
C TYR B 495 -4.60 24.27 -6.00
N LYS B 496 -4.22 23.87 -4.78
CA LYS B 496 -3.69 24.83 -3.82
C LYS B 496 -2.30 25.31 -4.21
N ALA B 497 -1.50 24.46 -4.83
CA ALA B 497 -0.16 24.85 -5.26
C ALA B 497 -0.18 25.72 -6.50
N MET B 498 -1.30 25.75 -7.24
CA MET B 498 -1.45 26.58 -8.42
C MET B 498 -2.31 27.81 -8.15
N ASN B 499 -2.55 28.11 -6.87
CA ASN B 499 -3.35 29.25 -6.41
C ASN B 499 -4.79 29.21 -6.91
N LYS B 500 -5.31 28.02 -7.18
CA LYS B 500 -6.72 27.83 -7.48
C LYS B 500 -7.45 27.42 -6.21
N PHE B 501 -7.64 28.39 -5.33
CA PHE B 501 -8.18 28.12 -4.01
C PHE B 501 -9.66 27.76 -4.04
N GLY B 502 -10.37 28.10 -5.12
CA GLY B 502 -11.77 27.74 -5.22
C GLY B 502 -11.97 26.31 -5.67
N GLU B 503 -11.12 25.86 -6.59
CA GLU B 503 -11.21 24.49 -7.09
C GLU B 503 -10.73 23.50 -6.04
N ALA B 504 -9.72 23.89 -5.25
CA ALA B 504 -9.22 23.02 -4.18
C ALA B 504 -10.25 22.83 -3.07
N LEU B 505 -11.06 23.85 -2.79
CA LEU B 505 -12.09 23.72 -1.78
C LEU B 505 -13.23 22.82 -2.25
N LYS B 506 -13.39 22.62 -3.56
CA LYS B 506 -14.39 21.69 -4.05
C LYS B 506 -14.01 20.25 -3.73
N LYS B 507 -12.73 19.91 -3.87
CA LYS B 507 -12.28 18.55 -3.59
C LYS B 507 -12.18 18.26 -2.11
N CYS B 508 -11.86 19.25 -1.28
CA CYS B 508 -11.85 19.03 0.16
C CYS B 508 -13.25 18.92 0.72
N HIS B 509 -14.24 19.53 0.06
CA HIS B 509 -15.62 19.38 0.48
C HIS B 509 -16.24 18.08 -0.03
N GLU B 510 -15.64 17.46 -1.05
CA GLU B 510 -16.13 16.18 -1.53
C GLU B 510 -15.59 15.02 -0.71
N ILE B 511 -14.39 15.16 -0.16
CA ILE B 511 -13.86 14.13 0.73
C ILE B 511 -14.63 14.12 2.05
N GLU B 512 -14.95 15.30 2.58
CA GLU B 512 -15.79 15.39 3.76
C GLU B 512 -17.20 14.86 3.48
N ARG B 513 -17.69 15.04 2.25
CA ARG B 513 -18.96 14.47 1.86
C ARG B 513 -18.91 12.96 1.69
N HIS B 514 -17.72 12.38 1.46
CA HIS B 514 -17.60 10.93 1.47
C HIS B 514 -17.79 10.36 2.86
N PHE B 515 -17.30 11.07 3.89
CA PHE B 515 -17.42 10.59 5.25
C PHE B 515 -18.83 10.74 5.80
N ILE B 516 -19.70 11.52 5.16
CA ILE B 516 -21.10 11.55 5.58
C ILE B 516 -21.83 10.35 5.01
N GLU B 517 -21.37 9.84 3.86
CA GLU B 517 -21.98 8.66 3.24
C GLU B 517 -21.74 7.42 4.07
N ILE B 518 -20.54 7.28 4.63
CA ILE B 518 -20.16 6.04 5.31
C ILE B 518 -20.80 5.94 6.69
N THR B 519 -21.00 7.06 7.38
CA THR B 519 -21.70 7.00 8.67
C THR B 519 -23.20 6.77 8.49
N ASP B 520 -23.72 7.03 7.30
CA ASP B 520 -25.10 6.64 7.03
C ASP B 520 -25.19 5.27 6.35
N ASP B 521 -24.04 4.68 6.01
CA ASP B 521 -24.06 3.36 5.38
C ASP B 521 -24.25 2.25 6.41
N GLN B 522 -24.06 2.57 7.69
CA GLN B 522 -24.29 1.62 8.78
C GLN B 522 -25.76 1.45 9.11
N PHE B 523 -26.66 2.12 8.41
CA PHE B 523 -28.08 2.07 8.75
C PHE B 523 -28.71 0.74 8.37
N ASP B 524 -28.17 0.06 7.36
CA ASP B 524 -28.71 -1.23 6.93
C ASP B 524 -27.98 -2.40 7.56
N PHE B 525 -27.46 -2.24 8.77
CA PHE B 525 -26.74 -3.29 9.46
C PHE B 525 -27.17 -3.48 10.90
N HIS B 526 -28.01 -2.59 11.44
CA HIS B 526 -28.53 -2.80 12.78
C HIS B 526 -29.55 -3.92 12.79
N THR B 527 -30.42 -3.96 11.79
CA THR B 527 -31.39 -5.04 11.64
C THR B 527 -30.77 -6.30 11.06
N TYR B 528 -29.75 -6.16 10.21
CA TYR B 528 -29.18 -7.31 9.53
C TYR B 528 -28.36 -8.18 10.48
N CYS B 529 -27.63 -7.54 11.40
CA CYS B 529 -26.75 -8.26 12.33
C CYS B 529 -27.47 -8.69 13.60
N MET B 530 -28.78 -8.49 13.66
CA MET B 530 -29.58 -9.13 14.69
C MET B 530 -30.37 -10.32 14.16
N ARG B 531 -30.63 -10.33 12.85
CA ARG B 531 -31.22 -11.50 12.22
C ARG B 531 -30.18 -12.60 12.02
N LYS B 532 -28.97 -12.22 11.63
CA LYS B 532 -27.83 -13.12 11.61
C LYS B 532 -26.98 -12.83 12.85
N ILE B 533 -26.76 -13.85 13.68
CA ILE B 533 -26.03 -13.65 14.92
C ILE B 533 -24.55 -13.59 14.59
N THR B 534 -24.02 -12.36 14.45
CA THR B 534 -22.63 -12.11 14.10
C THR B 534 -22.10 -10.99 15.00
N LEU B 535 -22.41 -11.11 16.30
CA LEU B 535 -22.41 -9.99 17.22
C LEU B 535 -21.02 -9.43 17.51
N ARG B 536 -19.96 -10.18 17.25
CA ARG B 536 -18.63 -9.65 17.49
C ARG B 536 -18.25 -8.60 16.46
N SER B 537 -18.55 -8.86 15.19
CA SER B 537 -18.19 -7.92 14.14
C SER B 537 -19.15 -6.74 14.08
N TYR B 538 -20.36 -6.88 14.60
CA TYR B 538 -21.31 -5.79 14.56
C TYR B 538 -20.98 -4.73 15.60
N VAL B 539 -20.48 -5.16 16.77
CA VAL B 539 -20.11 -4.22 17.81
C VAL B 539 -18.82 -3.49 17.43
N ASP B 540 -17.91 -4.17 16.72
CA ASP B 540 -16.72 -3.51 16.20
C ASP B 540 -17.05 -2.51 15.08
N LEU B 541 -18.20 -2.65 14.44
CA LEU B 541 -18.62 -1.66 13.46
C LEU B 541 -19.19 -0.42 14.13
N LEU B 542 -19.93 -0.60 15.22
CA LEU B 542 -20.53 0.53 15.94
C LEU B 542 -19.47 1.41 16.58
N LYS B 543 -18.40 0.80 17.09
CA LYS B 543 -17.31 1.57 17.66
C LYS B 543 -16.43 2.20 16.59
N LEU B 544 -16.47 1.67 15.36
CA LEU B 544 -15.69 2.27 14.27
C LEU B 544 -16.34 3.55 13.78
N GLU B 545 -17.68 3.59 13.74
CA GLU B 545 -18.43 4.74 13.27
C GLU B 545 -18.47 5.88 14.28
N ASP B 546 -17.80 5.74 15.42
CA ASP B 546 -17.58 6.87 16.31
C ASP B 546 -16.23 7.51 16.05
N VAL B 547 -15.25 6.72 15.61
CA VAL B 547 -13.90 7.20 15.37
C VAL B 547 -13.55 7.04 13.90
N LEU B 548 -14.55 7.24 13.02
CA LEU B 548 -14.31 7.05 11.60
C LEU B 548 -13.40 8.14 11.03
N ARG B 549 -13.55 9.37 11.52
CA ARG B 549 -12.82 10.51 10.97
C ARG B 549 -11.44 10.70 11.58
N GLN B 550 -10.90 9.69 12.27
CA GLN B 550 -9.49 9.70 12.61
C GLN B 550 -8.67 8.92 11.59
N HIS B 551 -9.27 8.59 10.46
CA HIS B 551 -8.55 8.04 9.33
C HIS B 551 -7.57 9.08 8.78
N PRO B 552 -6.42 8.65 8.26
CA PRO B 552 -5.46 9.62 7.70
C PRO B 552 -5.95 10.37 6.48
N PHE B 553 -6.96 9.86 5.76
CA PHE B 553 -7.47 10.56 4.59
C PHE B 553 -8.32 11.76 4.96
N TYR B 554 -8.84 11.82 6.18
CA TYR B 554 -9.58 13.00 6.61
C TYR B 554 -8.66 14.10 7.09
N PHE B 555 -7.53 13.74 7.70
CA PHE B 555 -6.63 14.75 8.24
C PHE B 555 -5.89 15.49 7.13
N LYS B 556 -5.49 14.78 6.08
CA LYS B 556 -4.80 15.45 4.98
C LYS B 556 -5.76 16.19 4.06
N ALA B 557 -7.06 16.01 4.21
CA ALA B 557 -8.05 16.81 3.50
C ALA B 557 -8.53 18.00 4.30
N ALA B 558 -8.61 17.87 5.62
CA ALA B 558 -8.96 18.99 6.49
C ALA B 558 -7.80 19.95 6.67
N ARG B 559 -6.56 19.48 6.51
CA ARG B 559 -5.40 20.37 6.62
C ARG B 559 -5.36 21.35 5.45
N ILE B 560 -5.68 20.87 4.24
CA ILE B 560 -5.67 21.72 3.06
C ILE B 560 -6.79 22.75 3.13
N ALA B 561 -7.93 22.38 3.69
CA ALA B 561 -9.06 23.30 3.74
C ALA B 561 -8.84 24.41 4.75
N ILE B 562 -8.26 24.09 5.91
CA ILE B 562 -8.00 25.11 6.94
C ILE B 562 -6.91 26.06 6.47
N GLU B 563 -5.85 25.52 5.84
CA GLU B 563 -4.77 26.36 5.33
C GLU B 563 -5.20 27.26 4.17
N ILE B 564 -6.27 26.91 3.46
CA ILE B 564 -6.80 27.80 2.44
C ILE B 564 -7.66 28.87 3.07
N TYR B 565 -8.48 28.50 4.06
CA TYR B 565 -9.32 29.47 4.74
C TYR B 565 -8.52 30.42 5.61
N LEU B 566 -7.31 30.04 6.03
CA LEU B 566 -6.42 30.99 6.69
C LEU B 566 -5.83 32.00 5.71
N LYS B 567 -5.66 31.60 4.45
CA LYS B 567 -5.17 32.53 3.44
C LYS B 567 -6.28 33.46 2.94
N LEU B 568 -7.52 33.00 2.95
CA LEU B 568 -8.66 33.83 2.57
C LEU B 568 -9.09 34.79 3.67
N HIS B 569 -8.51 34.68 4.86
CA HIS B 569 -8.70 35.67 5.90
C HIS B 569 -7.59 36.70 5.95
N ASP B 570 -6.36 36.29 5.63
CA ASP B 570 -5.26 37.23 5.52
C ASP B 570 -5.44 38.12 4.30
N ASN B 571 -5.56 37.50 3.13
CA ASN B 571 -5.65 38.23 1.87
C ASN B 571 -6.88 37.81 1.10
N PRO B 572 -8.04 38.42 1.34
CA PRO B 572 -9.22 38.11 0.54
C PRO B 572 -9.09 38.63 -0.89
N LEU B 573 -9.47 37.80 -1.83
CA LEU B 573 -9.28 38.09 -3.25
C LEU B 573 -10.29 39.12 -3.75
N PRO B 638 -32.15 15.14 -5.58
CA PRO B 638 -30.75 14.91 -5.22
C PRO B 638 -30.23 15.94 -4.21
N LYS B 639 -28.92 15.98 -4.01
CA LYS B 639 -28.29 16.94 -3.12
C LYS B 639 -27.76 18.12 -3.92
N GLU B 640 -27.19 19.10 -3.22
CA GLU B 640 -26.80 20.35 -3.83
C GLU B 640 -25.38 20.27 -4.37
N GLU B 641 -25.17 20.85 -5.55
CA GLU B 641 -23.88 20.88 -6.21
C GLU B 641 -22.91 21.79 -5.47
N LEU B 642 -21.62 21.61 -5.77
CA LEU B 642 -20.56 22.45 -5.22
C LEU B 642 -19.91 23.22 -6.36
N ILE B 643 -20.05 24.55 -6.31
CA ILE B 643 -19.48 25.43 -7.32
C ILE B 643 -18.17 25.99 -6.75
N PRO B 644 -17.05 25.92 -7.49
CA PRO B 644 -15.77 26.38 -6.92
C PRO B 644 -15.70 27.87 -6.66
N GLU B 645 -16.40 28.70 -7.44
CA GLU B 645 -16.31 30.14 -7.27
C GLU B 645 -17.21 30.62 -6.13
N LYS B 646 -18.23 29.83 -5.79
CA LYS B 646 -19.06 30.18 -4.64
C LYS B 646 -18.39 29.82 -3.32
N LEU B 647 -17.45 28.88 -3.37
CA LEU B 647 -16.80 28.42 -2.14
C LEU B 647 -15.74 29.40 -1.68
N ALA B 648 -14.89 29.86 -2.59
CA ALA B 648 -13.81 30.76 -2.24
C ALA B 648 -14.30 32.17 -1.93
N LYS B 649 -15.44 32.56 -2.48
CA LYS B 649 -16.04 33.86 -2.18
C LYS B 649 -17.03 33.73 -1.04
N VAL B 650 -16.51 33.33 0.12
CA VAL B 650 -17.32 33.14 1.32
C VAL B 650 -17.03 34.29 2.27
N GLU B 651 -18.08 34.72 2.98
CA GLU B 651 -17.96 35.90 3.84
C GLU B 651 -17.37 35.55 5.19
N THR B 652 -17.45 34.28 5.59
CA THR B 652 -16.93 33.80 6.88
C THR B 652 -15.97 32.66 6.61
N PRO B 653 -14.70 32.95 6.31
CA PRO B 653 -13.77 31.86 6.01
C PRO B 653 -13.33 31.11 7.26
N LEU B 654 -13.26 31.78 8.40
CA LEU B 654 -12.82 31.11 9.62
C LEU B 654 -13.97 30.35 10.27
N GLU B 655 -15.20 30.59 9.84
CA GLU B 655 -16.31 29.79 10.34
C GLU B 655 -16.50 28.52 9.53
N GLU B 656 -16.05 28.52 8.28
CA GLU B 656 -15.98 27.29 7.51
C GLU B 656 -14.74 26.48 7.87
N ALA B 657 -13.73 27.11 8.44
CA ALA B 657 -12.53 26.40 8.86
C ALA B 657 -12.72 25.71 10.20
N ILE B 658 -13.70 26.16 10.99
CA ILE B 658 -13.91 25.55 12.30
C ILE B 658 -14.77 24.30 12.16
N LYS B 659 -15.42 24.13 11.01
CA LYS B 659 -16.20 22.92 10.78
C LYS B 659 -15.30 21.78 10.33
N PHE B 660 -14.13 22.11 9.78
CA PHE B 660 -13.14 21.09 9.44
C PHE B 660 -12.28 20.73 10.64
N LEU B 661 -12.37 21.51 11.72
CA LEU B 661 -11.49 21.32 12.86
C LEU B 661 -12.18 20.60 14.02
N THR B 662 -13.49 20.81 14.17
CA THR B 662 -14.32 20.21 15.21
C THR B 662 -14.25 18.67 15.27
N PRO B 663 -14.22 17.91 14.14
CA PRO B 663 -13.95 16.47 14.30
C PRO B 663 -12.50 16.14 14.62
N LEU B 664 -11.55 16.96 14.20
CA LEU B 664 -10.14 16.70 14.47
C LEU B 664 -9.83 16.94 15.94
N LYS B 665 -10.50 17.92 16.54
CA LYS B 665 -10.26 18.26 17.93
C LYS B 665 -10.81 17.20 18.87
N ASN B 666 -11.76 16.39 18.39
CA ASN B 666 -12.34 15.35 19.22
C ASN B 666 -11.60 14.02 19.07
N LEU B 667 -11.31 13.62 17.83
CA LEU B 667 -10.85 12.27 17.57
C LEU B 667 -9.34 12.16 17.40
N VAL B 668 -8.68 13.21 16.94
CA VAL B 668 -7.24 13.17 16.67
C VAL B 668 -6.57 14.11 17.64
N LYS B 669 -6.20 13.61 18.81
CA LYS B 669 -5.55 14.41 19.83
C LYS B 669 -4.07 14.07 20.02
N ASN B 670 -3.59 12.97 19.44
CA ASN B 670 -2.20 12.59 19.55
C ASN B 670 -1.29 13.37 18.61
N LYS B 671 -1.86 14.14 17.69
CA LYS B 671 -1.09 14.90 16.72
C LYS B 671 -0.93 16.33 17.19
N ILE B 672 0.28 16.87 17.06
CA ILE B 672 0.55 18.23 17.48
C ILE B 672 -0.03 19.24 16.50
N GLU B 673 -0.33 18.83 15.27
CA GLU B 673 -0.86 19.76 14.28
C GLU B 673 -2.33 20.07 14.53
N THR B 674 -3.02 19.26 15.32
CA THR B 674 -4.43 19.51 15.60
C THR B 674 -4.58 20.72 16.51
N HIS B 675 -3.76 20.81 17.56
CA HIS B 675 -3.84 21.91 18.49
C HIS B 675 -3.21 23.19 17.96
N LEU B 676 -2.24 23.08 17.05
CA LEU B 676 -1.63 24.27 16.48
C LEU B 676 -2.48 24.86 15.36
N PHE B 677 -3.26 24.04 14.66
CA PHE B 677 -4.26 24.58 13.75
C PHE B 677 -5.41 25.20 14.49
N ALA B 678 -5.66 24.77 15.73
CA ALA B 678 -6.65 25.44 16.56
C ALA B 678 -6.15 26.79 17.03
N PHE B 679 -4.83 26.96 17.16
CA PHE B 679 -4.29 28.24 17.57
C PHE B 679 -4.49 29.29 16.49
N GLU B 680 -4.18 28.95 15.23
CA GLU B 680 -4.22 29.92 14.14
C GLU B 680 -5.64 30.39 13.83
N ILE B 681 -6.63 29.55 14.09
CA ILE B 681 -8.02 29.98 13.90
C ILE B 681 -8.42 30.95 15.00
N TYR B 682 -8.04 30.67 16.25
CA TYR B 682 -8.40 31.54 17.36
C TYR B 682 -7.45 32.73 17.52
N PHE B 683 -6.25 32.69 16.93
CA PHE B 683 -5.37 33.86 16.95
C PHE B 683 -5.92 34.97 16.09
N ARG B 684 -6.60 34.63 14.99
CA ARG B 684 -7.21 35.60 14.10
C ARG B 684 -8.62 35.97 14.54
N LYS B 685 -9.07 35.45 15.68
CA LYS B 685 -10.37 35.79 16.25
C LYS B 685 -10.26 36.47 17.59
N GLU B 686 -9.02 36.70 18.07
CA GLU B 686 -8.65 37.30 19.37
C GLU B 686 -9.45 36.72 20.54
N LYS B 687 -9.32 35.40 20.70
CA LYS B 687 -9.94 34.67 21.81
C LYS B 687 -8.79 34.06 22.61
N PHE B 688 -8.27 34.81 23.58
CA PHE B 688 -7.03 34.46 24.25
C PHE B 688 -7.17 33.27 25.19
N LEU B 689 -8.38 32.99 25.69
CA LEU B 689 -8.55 31.85 26.57
C LEU B 689 -8.49 30.53 25.80
N LEU B 690 -8.82 30.56 24.51
CA LEU B 690 -8.70 29.37 23.67
C LEU B 690 -7.33 29.25 23.03
N MET B 691 -6.63 30.37 22.80
CA MET B 691 -5.25 30.29 22.34
C MET B 691 -4.33 29.78 23.43
N LEU B 692 -4.66 30.06 24.69
CA LEU B 692 -3.91 29.52 25.81
C LEU B 692 -4.22 28.03 26.01
N GLN B 693 -5.47 27.65 25.79
CA GLN B 693 -5.88 26.26 25.95
C GLN B 693 -5.24 25.36 24.90
N SER B 694 -5.15 25.82 23.66
CA SER B 694 -4.58 25.00 22.60
C SER B 694 -3.06 24.93 22.69
N VAL B 695 -2.42 26.00 23.18
CA VAL B 695 -0.96 25.99 23.24
C VAL B 695 -0.48 25.17 24.45
N LYS B 696 -1.36 24.96 25.43
CA LYS B 696 -0.99 24.17 26.60
C LYS B 696 -1.06 22.68 26.28
N ARG B 697 -2.01 22.27 25.44
CA ARG B 697 -2.10 20.88 25.04
C ARG B 697 -0.96 20.48 24.11
N ALA B 698 -0.54 21.40 23.22
CA ALA B 698 0.55 21.12 22.32
C ALA B 698 1.90 21.14 23.01
N PHE B 699 2.01 21.80 24.17
CA PHE B 699 3.27 21.82 24.91
C PHE B 699 3.52 20.48 25.60
N ALA B 700 2.48 19.73 25.91
CA ALA B 700 2.59 18.45 26.60
C ALA B 700 2.88 17.30 25.66
N ILE B 701 3.10 17.56 24.38
CA ILE B 701 3.40 16.53 23.38
C ILE B 701 4.85 16.63 22.91
N ASP B 702 5.25 17.79 22.39
CA ASP B 702 6.64 18.01 21.99
C ASP B 702 6.95 19.49 22.20
N SER B 703 7.58 19.79 23.34
CA SER B 703 7.82 21.18 23.73
C SER B 703 8.91 21.84 22.90
N SER B 704 9.72 21.06 22.20
CA SER B 704 10.74 21.60 21.31
C SER B 704 10.28 21.58 19.85
N HIS B 705 9.01 21.84 19.62
CA HIS B 705 8.52 21.90 18.26
C HIS B 705 8.79 23.27 17.65
N PRO B 706 9.22 23.34 16.39
CA PRO B 706 9.48 24.65 15.79
C PRO B 706 8.23 25.45 15.51
N TRP B 707 7.13 24.79 15.12
CA TRP B 707 5.89 25.52 14.88
C TRP B 707 5.23 25.94 16.18
N LEU B 708 5.40 25.16 17.25
CA LEU B 708 4.86 25.55 18.56
C LEU B 708 5.53 26.81 19.10
N HIS B 709 6.84 26.97 18.81
CA HIS B 709 7.58 28.13 19.30
C HIS B 709 7.09 29.42 18.66
N GLU B 710 6.68 29.36 17.39
CA GLU B 710 6.15 30.54 16.73
C GLU B 710 4.74 30.89 17.20
N CYS B 711 4.07 29.98 17.91
CA CYS B 711 2.76 30.28 18.43
C CYS B 711 2.82 30.94 19.81
N MET B 712 3.73 30.49 20.67
CA MET B 712 3.82 31.07 22.00
C MET B 712 4.64 32.35 22.05
N ILE B 713 5.53 32.58 21.08
CA ILE B 713 6.15 33.90 20.98
C ILE B 713 5.11 34.92 20.52
N ARG B 714 4.25 34.54 19.57
CA ARG B 714 3.12 35.37 19.20
C ARG B 714 2.05 35.43 20.27
N LEU B 715 2.07 34.54 21.25
CA LEU B 715 1.15 34.64 22.37
C LEU B 715 1.68 35.55 23.46
N PHE B 716 2.98 35.44 23.77
CA PHE B 716 3.57 36.28 24.82
C PHE B 716 3.70 37.73 24.36
N ASN B 717 3.89 37.96 23.06
CA ASN B 717 4.04 39.32 22.58
C ASN B 717 2.73 40.10 22.60
N THR B 718 1.62 39.43 22.31
CA THR B 718 0.30 40.07 22.39
C THR B 718 -0.30 40.06 23.79
N ALA B 719 0.51 39.74 24.82
CA ALA B 719 0.13 39.95 26.20
C ALA B 719 0.97 41.01 26.89
N VAL B 720 2.04 41.48 26.26
CA VAL B 720 2.91 42.50 26.85
C VAL B 720 2.55 43.87 26.30
N CYS B 721 2.53 44.00 24.98
CA CYS B 721 2.26 45.28 24.33
C CYS B 721 0.79 45.45 23.95
N GLU B 722 -0.05 44.49 24.28
CA GLU B 722 -1.48 44.53 23.99
C GLU B 722 -2.26 44.28 25.27
N SER B 723 -1.90 45.00 26.32
CA SER B 723 -2.41 44.78 27.66
C SER B 723 -3.57 45.71 28.03
N LYS B 724 -3.98 46.61 27.14
CA LYS B 724 -5.01 47.60 27.47
C LYS B 724 -6.39 47.24 26.95
N ASP B 725 -6.49 46.64 25.77
CA ASP B 725 -7.78 46.30 25.17
C ASP B 725 -8.21 44.87 25.48
N LEU B 726 -8.19 44.50 26.77
CA LEU B 726 -8.71 43.22 27.24
C LEU B 726 -9.58 43.48 28.46
N SER B 727 -10.35 42.48 28.86
CA SER B 727 -11.10 42.56 30.10
C SER B 727 -10.16 42.41 31.29
N ASP B 728 -10.62 42.87 32.45
CA ASP B 728 -9.79 42.85 33.65
C ASP B 728 -9.75 41.47 34.29
N THR B 729 -10.85 40.72 34.24
CA THR B 729 -10.86 39.36 34.76
C THR B 729 -10.13 38.39 33.83
N VAL B 730 -9.86 38.82 32.60
CA VAL B 730 -9.16 37.96 31.64
C VAL B 730 -7.66 38.23 31.71
N ARG B 731 -7.29 39.49 31.91
CA ARG B 731 -5.86 39.85 31.87
C ARG B 731 -5.17 39.49 33.17
N THR B 732 -5.94 39.32 34.25
CA THR B 732 -5.36 38.95 35.53
C THR B 732 -5.02 37.46 35.55
N VAL B 733 -5.89 36.64 34.95
CA VAL B 733 -5.67 35.20 35.00
C VAL B 733 -4.67 34.74 33.95
N LEU B 734 -4.45 35.56 32.91
CA LEU B 734 -3.56 35.16 31.81
C LEU B 734 -2.11 35.05 32.25
N LYS B 735 -1.60 36.08 32.95
CA LYS B 735 -0.15 36.23 33.14
C LYS B 735 0.40 35.17 34.12
N GLN B 736 -0.50 34.52 34.86
CA GLN B 736 -0.10 33.47 35.79
C GLN B 736 0.42 32.23 35.06
N GLU B 737 -0.29 31.79 34.01
CA GLU B 737 0.10 30.55 33.36
C GLU B 737 1.19 30.77 32.31
N MET B 738 1.46 32.05 31.97
CA MET B 738 2.61 32.31 31.11
C MET B 738 3.91 32.08 31.87
N ASN B 739 3.99 32.59 33.10
CA ASN B 739 5.21 32.46 33.88
C ASN B 739 5.40 31.03 34.38
N ARG B 740 4.32 30.24 34.37
CA ARG B 740 4.46 28.81 34.60
C ARG B 740 5.11 28.12 33.41
N LEU B 741 4.97 28.69 32.20
CA LEU B 741 5.43 28.07 30.98
C LEU B 741 6.86 28.49 30.60
N PHE B 742 7.28 29.68 30.99
CA PHE B 742 8.65 30.13 30.75
C PHE B 742 9.07 31.04 31.89
N GLY B 743 10.37 31.27 32.04
CA GLY B 743 10.91 31.99 33.18
C GLY B 743 10.55 33.46 33.25
N ALA B 744 11.01 34.14 34.30
CA ALA B 744 10.69 35.56 34.49
C ALA B 744 11.49 36.43 33.53
N THR B 745 11.13 36.39 32.25
CA THR B 745 11.79 37.13 31.19
C THR B 745 10.76 37.71 30.23
N ASN B 746 11.26 38.41 29.22
CA ASN B 746 10.48 38.99 28.14
C ASN B 746 10.36 37.96 27.03
N PRO B 747 9.57 38.19 25.97
CA PRO B 747 9.62 37.29 24.82
C PRO B 747 10.96 37.21 24.11
N LYS B 748 11.80 38.23 24.23
CA LYS B 748 13.08 38.23 23.51
C LYS B 748 14.07 37.24 24.13
N ASN B 749 14.05 37.08 25.45
CA ASN B 749 14.93 36.09 26.08
C ASN B 749 14.35 34.69 26.06
N PHE B 750 13.10 34.52 25.63
CA PHE B 750 12.58 33.20 25.35
C PHE B 750 13.02 32.68 23.99
N ASN B 751 13.27 33.58 23.04
CA ASN B 751 13.78 33.17 21.74
C ASN B 751 15.25 32.76 21.83
N GLU B 752 16.04 33.49 22.64
CA GLU B 752 17.44 33.13 22.78
C GLU B 752 17.63 31.88 23.62
N THR B 753 16.70 31.61 24.54
CA THR B 753 16.73 30.36 25.27
C THR B 753 16.39 29.18 24.36
N PHE B 754 15.42 29.38 23.47
CA PHE B 754 15.06 28.35 22.51
C PHE B 754 16.15 28.14 21.48
N LEU B 755 16.83 29.22 21.07
CA LEU B 755 17.88 29.12 20.08
C LEU B 755 19.11 28.39 20.60
N LYS B 756 19.39 28.48 21.89
CA LYS B 756 20.60 27.90 22.46
C LYS B 756 20.44 26.44 22.86
N ARG B 757 19.21 26.01 23.18
CA ARG B 757 18.99 24.63 23.61
C ARG B 757 19.17 23.65 22.46
N ASN B 758 18.63 23.98 21.28
CA ASN B 758 18.79 23.16 20.08
C ASN B 758 19.18 24.05 18.91
N SER B 759 20.49 24.30 18.80
CA SER B 759 21.05 25.13 17.74
C SER B 759 21.62 24.32 16.60
N ASP B 760 21.69 23.00 16.73
CA ASP B 760 22.18 22.14 15.66
C ASP B 760 21.08 21.54 14.82
N SER B 761 19.82 21.86 15.10
CA SER B 761 18.70 21.43 14.27
C SER B 761 18.24 22.59 13.40
N LEU B 762 18.32 22.40 12.09
CA LEU B 762 17.96 23.41 11.10
C LEU B 762 16.49 23.87 11.11
N PRO B 763 15.46 23.00 11.28
CA PRO B 763 14.09 23.56 11.35
C PRO B 763 13.83 24.41 12.57
N HIS B 764 14.50 24.15 13.69
CA HIS B 764 14.36 25.02 14.85
C HIS B 764 15.09 26.35 14.64
N ARG B 765 16.16 26.32 13.87
CA ARG B 765 16.95 27.52 13.63
C ARG B 765 16.21 28.49 12.72
N LEU B 766 15.34 28.00 11.84
CA LEU B 766 14.51 28.88 11.04
C LEU B 766 13.33 29.42 11.83
N SER B 767 12.81 28.62 12.76
CA SER B 767 11.72 29.08 13.62
C SER B 767 12.20 30.12 14.61
N ALA B 768 13.46 30.06 15.02
CA ALA B 768 14.02 31.08 15.89
C ALA B 768 14.39 32.34 15.10
N ALA B 769 14.81 32.19 13.85
CA ALA B 769 15.17 33.34 13.05
C ALA B 769 13.95 34.12 12.59
N LYS B 770 12.82 33.45 12.36
CA LYS B 770 11.63 34.15 11.95
C LYS B 770 10.99 34.93 13.09
N MET B 771 11.30 34.58 14.33
CA MET B 771 10.77 35.29 15.48
C MET B 771 11.69 36.40 15.97
N VAL B 772 13.00 36.29 15.71
CA VAL B 772 13.91 37.37 16.07
C VAL B 772 13.78 38.55 15.11
N TYR B 773 13.14 38.35 13.97
CA TYR B 773 12.72 39.46 13.11
C TYR B 773 11.32 39.95 13.47
N TYR B 774 10.47 39.08 13.99
CA TYR B 774 9.10 39.47 14.33
C TYR B 774 9.06 40.36 15.55
N LEU B 775 9.93 40.10 16.54
CA LEU B 775 9.94 40.88 17.76
C LEU B 775 10.49 42.28 17.54
N ASP B 776 11.48 42.42 16.66
CA ASP B 776 12.04 43.70 16.29
C ASP B 776 12.60 43.66 14.87
N PRO B 777 12.02 44.42 13.94
CA PRO B 777 12.44 44.33 12.53
C PRO B 777 13.76 45.02 12.21
N SER B 778 14.45 45.60 13.18
CA SER B 778 15.75 46.21 12.92
C SER B 778 16.89 45.20 12.91
N SER B 779 16.69 44.02 13.49
CA SER B 779 17.72 42.98 13.53
C SER B 779 17.56 42.00 12.38
N GLN B 780 17.58 42.54 11.16
CA GLN B 780 17.36 41.71 9.98
C GLN B 780 18.61 40.92 9.61
N LYS B 781 19.80 41.50 9.80
CA LYS B 781 21.02 40.86 9.32
C LYS B 781 21.42 39.69 10.22
N ARG B 782 21.01 39.74 11.49
CA ARG B 782 21.26 38.60 12.37
C ARG B 782 20.26 37.48 12.08
N ALA B 783 19.07 37.85 11.62
CA ALA B 783 18.04 36.86 11.33
C ALA B 783 18.38 36.06 10.08
N ILE B 784 19.01 36.70 9.10
CA ILE B 784 19.37 36.01 7.86
C ILE B 784 20.51 35.03 8.10
N GLU B 785 21.51 35.43 8.89
CA GLU B 785 22.67 34.57 9.10
C GLU B 785 22.33 33.38 10.01
N LEU B 786 21.24 33.50 10.79
CA LEU B 786 20.75 32.36 11.54
C LEU B 786 20.15 31.32 10.61
N ALA B 787 19.32 31.75 9.67
CA ALA B 787 18.55 30.80 8.87
C ALA B 787 19.37 30.21 7.74
N THR B 788 20.39 30.94 7.27
CA THR B 788 21.16 30.47 6.12
C THR B 788 22.38 29.65 6.52
N THR B 789 22.33 28.93 7.64
CA THR B 789 23.44 28.09 8.04
C THR B 789 23.43 26.78 7.25
N LEU B 790 24.58 26.42 6.68
CA LEU B 790 24.62 25.21 5.84
C LEU B 790 25.78 24.30 6.14
N ASP B 791 26.35 24.29 7.34
CA ASP B 791 27.46 23.40 7.64
C ASP B 791 26.94 21.98 7.93
N GLU B 792 27.83 21.01 7.77
CA GLU B 792 27.43 19.60 7.87
C GLU B 792 27.16 19.13 9.29
N SER B 793 27.48 19.94 10.30
CA SER B 793 27.16 19.58 11.68
C SER B 793 25.68 19.75 12.00
N LEU B 794 24.90 20.35 11.12
CA LEU B 794 23.49 20.56 11.37
C LEU B 794 22.70 19.27 11.22
N THR B 795 21.59 19.20 11.93
CA THR B 795 20.65 18.09 11.84
C THR B 795 19.47 18.52 10.99
N ASN B 796 18.96 17.59 10.17
CA ASN B 796 17.87 17.81 9.21
C ASN B 796 18.22 18.88 8.19
N ARG B 797 19.41 18.78 7.62
CA ARG B 797 19.81 19.63 6.49
C ARG B 797 19.48 18.95 5.16
N ASN B 798 18.23 18.54 5.02
CA ASN B 798 17.76 17.81 3.85
C ASN B 798 17.09 18.79 2.89
N LEU B 799 16.49 18.28 1.82
CA LEU B 799 15.83 19.09 0.82
C LEU B 799 14.58 19.80 1.33
N GLN B 800 13.77 19.13 2.16
CA GLN B 800 12.49 19.68 2.54
C GLN B 800 12.60 20.83 3.53
N THR B 801 13.76 21.02 4.16
CA THR B 801 13.95 22.16 5.04
C THR B 801 14.64 23.32 4.34
N CYS B 802 15.62 23.02 3.48
CA CYS B 802 16.29 24.08 2.72
C CYS B 802 15.35 24.71 1.69
N MET B 803 14.37 23.95 1.22
CA MET B 803 13.31 24.55 0.41
C MET B 803 12.39 25.42 1.25
N GLU B 804 12.28 25.12 2.54
CA GLU B 804 11.44 25.92 3.43
C GLU B 804 12.17 27.14 3.95
N VAL B 805 13.51 27.09 4.03
CA VAL B 805 14.29 28.25 4.42
C VAL B 805 14.31 29.26 3.27
N LEU B 806 14.47 28.77 2.03
CA LEU B 806 14.52 29.65 0.87
C LEU B 806 13.19 30.34 0.61
N GLU B 807 12.08 29.62 0.75
CA GLU B 807 10.78 30.23 0.52
C GLU B 807 10.36 31.17 1.65
N ALA B 808 11.04 31.13 2.79
CA ALA B 808 10.83 32.14 3.82
C ALA B 808 11.60 33.42 3.52
N LEU B 809 12.66 33.34 2.72
CA LEU B 809 13.37 34.53 2.28
C LEU B 809 12.70 35.21 1.10
N TYR B 810 11.70 34.57 0.49
CA TYR B 810 10.91 35.17 -0.57
C TYR B 810 9.60 35.77 -0.07
N ASP B 811 8.96 35.14 0.91
CA ASP B 811 7.63 35.53 1.32
C ASP B 811 7.60 36.70 2.30
N GLY B 812 8.76 37.27 2.62
CA GLY B 812 8.77 38.42 3.49
C GLY B 812 8.70 38.12 4.96
N SER B 813 8.96 36.88 5.36
CA SER B 813 9.01 36.54 6.78
C SER B 813 10.32 36.95 7.43
N LEU B 814 11.33 37.31 6.63
CA LEU B 814 12.59 37.83 7.15
C LEU B 814 12.93 39.18 6.53
N GLY B 815 11.93 39.90 6.03
CA GLY B 815 12.15 41.21 5.45
C GLY B 815 12.52 41.15 3.99
N ASP B 816 12.75 42.33 3.43
CA ASP B 816 13.18 42.47 2.04
C ASP B 816 14.64 42.05 1.95
N CYS B 817 14.87 40.82 1.50
CA CYS B 817 16.20 40.22 1.47
C CYS B 817 16.44 39.55 0.13
N LYS B 818 16.17 40.28 -0.95
CA LYS B 818 16.35 39.78 -2.30
C LYS B 818 17.82 39.50 -2.63
N GLU B 819 18.74 40.23 -2.02
CA GLU B 819 20.16 39.98 -2.26
C GLU B 819 20.63 38.74 -1.51
N ALA B 820 20.06 38.48 -0.34
CA ALA B 820 20.44 37.34 0.47
C ALA B 820 19.75 36.07 0.05
N ALA B 821 18.62 36.17 -0.64
CA ALA B 821 17.89 35.00 -1.12
C ALA B 821 18.40 34.47 -2.45
N GLU B 822 19.52 35.00 -2.94
CA GLU B 822 20.13 34.51 -4.15
C GLU B 822 21.51 33.90 -3.92
N ILE B 823 22.25 34.38 -2.92
CA ILE B 823 23.46 33.69 -2.50
C ILE B 823 23.12 32.40 -1.78
N TYR B 824 21.93 32.33 -1.18
CA TYR B 824 21.50 31.09 -0.54
C TYR B 824 21.04 30.06 -1.57
N ARG B 825 20.43 30.51 -2.66
CA ARG B 825 19.98 29.58 -3.70
C ARG B 825 21.16 28.96 -4.42
N ALA B 826 22.23 29.73 -4.63
CA ALA B 826 23.42 29.18 -5.26
C ALA B 826 24.22 28.29 -4.33
N ASN B 827 24.04 28.44 -3.01
CA ASN B 827 24.72 27.55 -2.07
C ASN B 827 23.96 26.23 -1.91
N CYS B 828 22.63 26.31 -1.87
CA CYS B 828 21.81 25.11 -1.80
C CYS B 828 21.79 24.31 -3.09
N HIS B 829 22.22 24.92 -4.20
CA HIS B 829 22.30 24.20 -5.46
C HIS B 829 23.52 23.28 -5.51
N LYS B 830 24.57 23.59 -4.75
CA LYS B 830 25.71 22.68 -4.68
C LYS B 830 25.42 21.48 -3.81
N LEU B 831 24.47 21.60 -2.90
CA LEU B 831 24.11 20.48 -2.03
C LEU B 831 23.13 19.56 -2.73
N PHE B 832 22.14 20.11 -3.41
CA PHE B 832 21.07 19.38 -4.07
C PHE B 832 21.10 19.69 -5.55
N PRO B 833 21.94 19.01 -6.33
CA PRO B 833 22.13 19.38 -7.74
C PRO B 833 21.00 19.00 -8.68
N TYR B 834 19.91 18.41 -8.19
CA TYR B 834 18.82 18.00 -9.05
C TYR B 834 17.51 18.73 -8.79
N ALA B 835 17.41 19.50 -7.71
CA ALA B 835 16.13 20.10 -7.35
C ALA B 835 15.79 21.28 -8.24
N LEU B 836 14.50 21.49 -8.45
CA LEU B 836 14.02 22.60 -9.27
C LEU B 836 13.83 23.88 -8.47
N ALA B 837 13.80 23.80 -7.15
CA ALA B 837 13.64 25.00 -6.33
C ALA B 837 14.92 25.82 -6.28
N PHE B 838 16.08 25.21 -6.54
CA PHE B 838 17.35 25.89 -6.48
C PHE B 838 17.98 26.02 -7.86
N MET B 839 17.19 25.91 -8.92
CA MET B 839 17.74 26.03 -10.26
C MET B 839 18.02 27.50 -10.57
N PRO B 840 19.14 27.79 -11.23
CA PRO B 840 19.47 29.19 -11.54
C PRO B 840 18.59 29.71 -12.66
N PRO B 841 18.12 30.97 -12.56
CA PRO B 841 17.31 31.60 -13.61
C PRO B 841 18.11 31.87 -14.87
N MET C 2 5.99 -9.76 6.07
CA MET C 2 4.79 -8.96 6.28
C MET C 2 3.79 -9.68 7.17
N ASN C 3 3.13 -8.91 8.04
CA ASN C 3 2.15 -9.46 8.96
C ASN C 3 0.88 -9.83 8.22
N ILE C 4 0.57 -11.13 8.16
CA ILE C 4 -0.68 -11.62 7.60
C ILE C 4 -1.60 -11.96 8.76
N ARG C 5 -2.75 -11.29 8.83
CA ARG C 5 -3.66 -11.49 9.92
C ARG C 5 -5.09 -11.35 9.43
N ASN C 6 -6.02 -11.79 10.26
CA ASN C 6 -7.44 -11.70 9.96
C ASN C 6 -7.90 -10.25 9.96
N ALA C 7 -8.67 -9.87 8.95
CA ALA C 7 -9.11 -8.48 8.79
C ALA C 7 -10.23 -8.16 9.76
N ARG C 8 -10.14 -6.99 10.37
CA ARG C 8 -11.15 -6.41 11.25
C ARG C 8 -11.89 -5.31 10.51
N PRO C 9 -13.07 -4.85 11.03
CA PRO C 9 -13.78 -3.74 10.37
C PRO C 9 -13.04 -2.41 10.30
N GLU C 10 -12.01 -2.23 11.14
CA GLU C 10 -11.19 -1.04 11.05
C GLU C 10 -10.23 -1.10 9.86
N ASP C 11 -10.10 -2.28 9.24
CA ASP C 11 -9.18 -2.44 8.13
C ASP C 11 -9.90 -2.35 6.79
N LEU C 12 -11.23 -2.27 6.81
CA LEU C 12 -12.00 -2.37 5.58
C LEU C 12 -11.86 -1.13 4.73
N MET C 13 -11.67 0.02 5.36
CA MET C 13 -11.56 1.27 4.59
C MET C 13 -10.19 1.36 3.91
N ASN C 14 -9.20 0.64 4.42
CA ASN C 14 -7.89 0.61 3.77
C ASN C 14 -7.84 -0.46 2.70
N MET C 15 -8.78 -1.41 2.73
CA MET C 15 -8.84 -2.43 1.69
C MET C 15 -9.49 -1.87 0.42
N GLN C 16 -10.37 -0.88 0.57
CA GLN C 16 -10.92 -0.20 -0.59
C GLN C 16 -9.87 0.66 -1.27
N HIS C 17 -8.92 1.19 -0.49
CA HIS C 17 -7.86 2.01 -1.07
C HIS C 17 -6.88 1.15 -1.87
N CYS C 18 -6.63 -0.08 -1.42
CA CYS C 18 -5.76 -0.98 -2.18
C CYS C 18 -6.51 -1.58 -3.38
N ASN C 19 -7.84 -1.56 -3.33
CA ASN C 19 -8.63 -2.03 -4.47
C ASN C 19 -8.72 -0.97 -5.55
N LEU C 20 -8.94 0.30 -5.15
CA LEU C 20 -8.97 1.39 -6.11
C LEU C 20 -7.61 1.60 -6.77
N LEU C 21 -6.54 1.23 -6.06
CA LEU C 21 -5.19 1.45 -6.53
C LEU C 21 -4.76 0.44 -7.58
N CYS C 22 -5.07 -0.86 -7.40
CA CYS C 22 -4.76 -1.80 -8.48
C CYS C 22 -5.79 -2.94 -8.51
N LEU C 23 -6.92 -2.68 -9.19
CA LEU C 23 -7.91 -3.57 -9.80
C LEU C 23 -8.89 -2.68 -10.55
N PRO C 24 -9.29 -3.03 -11.78
CA PRO C 24 -10.25 -2.18 -12.50
C PRO C 24 -11.71 -2.42 -12.12
N GLU C 25 -12.01 -3.41 -11.28
CA GLU C 25 -13.38 -3.74 -10.89
C GLU C 25 -13.56 -3.36 -9.43
N ASN C 26 -14.00 -2.13 -9.20
CA ASN C 26 -14.09 -1.57 -7.87
C ASN C 26 -15.51 -1.66 -7.32
N TYR C 27 -15.61 -1.57 -6.00
CA TYR C 27 -16.89 -1.69 -5.30
C TYR C 27 -17.08 -0.50 -4.38
N GLN C 28 -18.31 -0.37 -3.87
CA GLN C 28 -18.64 0.70 -2.95
C GLN C 28 -18.16 0.34 -1.56
N MET C 29 -18.37 1.25 -0.61
CA MET C 29 -17.94 1.01 0.76
C MET C 29 -18.88 0.06 1.49
N LYS C 30 -20.18 0.14 1.19
CA LYS C 30 -21.13 -0.72 1.88
C LYS C 30 -21.04 -2.17 1.44
N TYR C 31 -20.37 -2.44 0.32
CA TYR C 31 -20.03 -3.81 -0.04
C TYR C 31 -18.98 -4.38 0.90
N TYR C 32 -18.02 -3.57 1.33
CA TYR C 32 -17.01 -4.03 2.27
C TYR C 32 -17.60 -4.25 3.65
N PHE C 33 -18.58 -3.44 4.04
CA PHE C 33 -19.28 -3.66 5.30
C PHE C 33 -20.30 -4.79 5.21
N TYR C 34 -20.46 -5.40 4.04
CA TYR C 34 -21.28 -6.59 3.87
C TYR C 34 -20.43 -7.86 3.97
N HIS C 35 -19.20 -7.81 3.48
CA HIS C 35 -18.31 -8.96 3.56
C HIS C 35 -17.71 -9.12 4.95
N GLY C 36 -17.81 -8.12 5.80
CA GLY C 36 -17.18 -8.17 7.10
C GLY C 36 -18.17 -8.42 8.22
N LEU C 37 -19.46 -8.40 7.88
CA LEU C 37 -20.49 -8.72 8.85
C LEU C 37 -21.23 -10.00 8.54
N SER C 38 -21.05 -10.56 7.34
CA SER C 38 -21.64 -11.85 7.01
C SER C 38 -20.63 -12.99 7.15
N TRP C 39 -19.43 -12.80 6.62
CA TRP C 39 -18.36 -13.79 6.71
C TRP C 39 -17.10 -13.09 7.21
N PRO C 40 -16.99 -12.86 8.52
CA PRO C 40 -15.83 -12.11 9.02
C PRO C 40 -14.54 -12.89 9.00
N GLN C 41 -14.62 -14.22 9.12
CA GLN C 41 -13.44 -15.04 9.25
C GLN C 41 -12.74 -15.32 7.93
N LEU C 42 -13.31 -14.91 6.81
CA LEU C 42 -12.79 -15.29 5.50
C LEU C 42 -11.93 -14.22 4.85
N SER C 43 -12.04 -12.98 5.28
CA SER C 43 -11.28 -11.87 4.70
C SER C 43 -9.99 -11.68 5.50
N TYR C 44 -8.86 -11.70 4.81
CA TYR C 44 -7.55 -11.54 5.42
C TYR C 44 -6.82 -10.38 4.77
N ILE C 45 -5.78 -9.87 5.45
CA ILE C 45 -4.98 -8.76 4.95
C ILE C 45 -3.52 -9.03 5.21
N ALA C 46 -2.67 -8.23 4.55
CA ALA C 46 -1.24 -8.21 4.80
C ALA C 46 -0.80 -6.77 5.05
N GLU C 47 0.21 -6.59 5.87
CA GLU C 47 0.65 -5.26 6.24
C GLU C 47 2.11 -5.28 6.67
N ASP C 48 2.70 -4.10 6.71
CA ASP C 48 4.09 -3.93 7.08
C ASP C 48 4.20 -3.42 8.52
N GLU C 49 5.41 -3.03 8.90
CA GLU C 49 5.71 -2.62 10.27
C GLU C 49 5.02 -1.32 10.67
N ASN C 50 4.63 -0.48 9.71
CA ASN C 50 4.02 0.80 10.00
C ASN C 50 2.49 0.75 10.00
N GLY C 51 1.90 -0.37 9.60
CA GLY C 51 0.48 -0.57 9.73
C GLY C 51 -0.35 -0.25 8.51
N LYS C 52 0.26 -0.03 7.35
CA LYS C 52 -0.48 0.20 6.12
C LYS C 52 -0.66 -1.10 5.37
N ILE C 53 -1.85 -1.27 4.78
CA ILE C 53 -2.22 -2.51 4.12
C ILE C 53 -1.55 -2.59 2.76
N VAL C 54 -0.86 -3.70 2.50
CA VAL C 54 -0.20 -3.92 1.22
C VAL C 54 -0.87 -5.00 0.39
N GLY C 55 -1.77 -5.79 0.96
CA GLY C 55 -2.50 -6.80 0.22
C GLY C 55 -3.74 -7.19 0.99
N TYR C 56 -4.67 -7.81 0.29
CA TYR C 56 -5.93 -8.21 0.91
C TYR C 56 -6.55 -9.33 0.11
N VAL C 57 -7.44 -10.08 0.76
CA VAL C 57 -8.28 -11.08 0.12
C VAL C 57 -9.69 -10.88 0.63
N LEU C 58 -10.63 -10.68 -0.27
CA LEU C 58 -12.03 -10.54 0.07
C LEU C 58 -12.76 -11.79 -0.42
N ALA C 59 -13.25 -12.60 0.50
CA ALA C 59 -13.85 -13.88 0.17
C ALA C 59 -15.25 -13.97 0.78
N LYS C 60 -16.06 -14.84 0.21
CA LYS C 60 -17.44 -15.01 0.67
C LYS C 60 -17.89 -16.44 0.41
N MET C 61 -19.05 -16.78 0.95
CA MET C 61 -19.71 -18.06 0.71
C MET C 61 -20.99 -17.79 -0.08
N GLU C 62 -21.13 -18.47 -1.21
CA GLU C 62 -22.28 -18.25 -2.08
C GLU C 62 -23.49 -18.98 -1.52
N GLU C 63 -24.54 -18.23 -1.19
CA GLU C 63 -25.75 -18.80 -0.59
C GLU C 63 -26.67 -19.29 -1.70
N ASP C 64 -26.54 -20.57 -2.04
CA ASP C 64 -27.38 -21.19 -3.06
C ASP C 64 -27.87 -22.53 -2.52
N PRO C 65 -29.18 -22.80 -2.57
CA PRO C 65 -29.71 -24.03 -1.95
C PRO C 65 -29.66 -25.25 -2.84
N ASP C 66 -29.45 -25.09 -4.15
CA ASP C 66 -29.50 -26.21 -5.08
C ASP C 66 -28.17 -26.95 -5.20
N ASP C 67 -27.18 -26.62 -4.39
CA ASP C 67 -25.87 -27.23 -4.53
C ASP C 67 -25.20 -27.30 -3.16
N VAL C 68 -23.99 -27.84 -3.14
CA VAL C 68 -23.18 -27.96 -1.93
C VAL C 68 -22.70 -26.56 -1.54
N PRO C 69 -22.40 -26.30 -0.26
CA PRO C 69 -21.81 -25.00 0.11
C PRO C 69 -20.42 -24.85 -0.49
N HIS C 70 -20.17 -23.69 -1.09
CA HIS C 70 -18.90 -23.43 -1.74
C HIS C 70 -18.50 -21.99 -1.50
N GLY C 71 -17.19 -21.75 -1.51
CA GLY C 71 -16.67 -20.41 -1.33
C GLY C 71 -16.51 -19.67 -2.63
N HIS C 72 -16.38 -18.36 -2.51
CA HIS C 72 -16.23 -17.48 -3.66
C HIS C 72 -15.19 -16.42 -3.32
N ILE C 73 -14.28 -16.16 -4.25
CA ILE C 73 -13.26 -15.15 -4.06
C ILE C 73 -13.73 -13.88 -4.77
N THR C 74 -14.10 -12.86 -3.99
CA THR C 74 -14.55 -11.61 -4.55
C THR C 74 -13.39 -10.80 -5.12
N SER C 75 -12.33 -10.62 -4.32
CA SER C 75 -11.22 -9.77 -4.72
C SER C 75 -9.93 -10.33 -4.17
N LEU C 76 -8.83 -9.96 -4.81
CA LEU C 76 -7.47 -10.25 -4.36
C LEU C 76 -6.51 -9.32 -5.09
N ALA C 77 -5.66 -8.63 -4.34
CA ALA C 77 -4.69 -7.73 -4.94
C ALA C 77 -3.53 -7.56 -3.97
N VAL C 78 -2.37 -7.28 -4.52
CA VAL C 78 -1.18 -6.95 -3.75
C VAL C 78 -0.56 -5.73 -4.41
N LYS C 79 -0.17 -4.75 -3.61
CA LYS C 79 0.53 -3.57 -4.11
C LYS C 79 1.82 -3.99 -4.82
N ARG C 80 2.11 -3.32 -5.94
CA ARG C 80 3.23 -3.69 -6.80
C ARG C 80 4.57 -3.52 -6.10
N SER C 81 4.64 -2.66 -5.08
CA SER C 81 5.81 -2.57 -4.24
C SER C 81 6.02 -3.81 -3.39
N HIS C 82 5.01 -4.67 -3.24
CA HIS C 82 5.09 -5.86 -2.40
C HIS C 82 4.73 -7.13 -3.16
N ARG C 83 4.77 -7.11 -4.49
CA ARG C 83 4.49 -8.28 -5.29
C ARG C 83 5.73 -9.16 -5.39
N ARG C 84 5.50 -10.42 -5.79
CA ARG C 84 6.53 -11.48 -5.86
C ARG C 84 7.20 -11.71 -4.51
N LEU C 85 6.40 -11.77 -3.45
CA LEU C 85 6.89 -12.01 -2.11
C LEU C 85 6.29 -13.25 -1.46
N GLY C 86 5.44 -13.99 -2.17
CA GLY C 86 4.69 -15.06 -1.57
C GLY C 86 3.43 -14.62 -0.89
N LEU C 87 3.04 -13.36 -1.05
CA LEU C 87 2.00 -12.78 -0.22
C LEU C 87 0.59 -13.21 -0.61
N ALA C 88 0.37 -13.67 -1.84
CA ALA C 88 -0.99 -13.97 -2.27
C ALA C 88 -1.35 -15.44 -2.18
N GLN C 89 -0.39 -16.34 -2.29
CA GLN C 89 -0.70 -17.74 -1.98
C GLN C 89 -0.92 -17.92 -0.49
N LYS C 90 -0.17 -17.20 0.33
CA LYS C 90 -0.33 -17.24 1.77
C LYS C 90 -1.60 -16.55 2.24
N LEU C 91 -2.20 -15.72 1.40
CA LEU C 91 -3.48 -15.09 1.73
C LEU C 91 -4.67 -15.93 1.27
N MET C 92 -4.51 -16.71 0.21
CA MET C 92 -5.56 -17.63 -0.24
C MET C 92 -5.54 -18.93 0.53
N ASP C 93 -4.39 -19.31 1.09
CA ASP C 93 -4.33 -20.50 1.93
C ASP C 93 -4.98 -20.25 3.28
N GLN C 94 -4.87 -19.03 3.80
CA GLN C 94 -5.51 -18.71 5.07
C GLN C 94 -7.01 -18.57 4.91
N ALA C 95 -7.48 -18.19 3.73
CA ALA C 95 -8.90 -18.02 3.48
C ALA C 95 -9.60 -19.32 3.12
N SER C 96 -8.91 -20.24 2.45
CA SER C 96 -9.51 -21.53 2.11
C SER C 96 -9.66 -22.40 3.34
N ARG C 97 -8.69 -22.34 4.27
CA ARG C 97 -8.81 -23.06 5.52
C ARG C 97 -9.94 -22.52 6.39
N ALA C 98 -10.21 -21.22 6.29
CA ALA C 98 -11.31 -20.64 7.03
C ALA C 98 -12.67 -20.94 6.41
N MET C 99 -12.72 -21.39 5.16
CA MET C 99 -13.96 -21.86 4.58
C MET C 99 -14.28 -23.29 5.00
N ILE C 100 -13.24 -24.10 5.22
CA ILE C 100 -13.44 -25.51 5.56
C ILE C 100 -13.96 -25.63 6.98
N GLU C 101 -13.35 -24.91 7.92
CA GLU C 101 -13.63 -25.10 9.33
C GLU C 101 -14.74 -24.24 9.87
N ASN C 102 -15.24 -23.28 9.09
CA ASN C 102 -16.36 -22.44 9.52
C ASN C 102 -17.67 -22.75 8.81
N PHE C 103 -17.62 -23.06 7.52
CA PHE C 103 -18.84 -23.28 6.76
C PHE C 103 -18.89 -24.60 6.01
N ASN C 104 -17.84 -25.43 6.12
CA ASN C 104 -17.76 -26.76 5.50
C ASN C 104 -17.92 -26.69 3.99
N ALA C 105 -17.16 -25.78 3.38
CA ALA C 105 -17.21 -25.62 1.94
C ALA C 105 -16.56 -26.82 1.25
N LYS C 106 -17.12 -27.21 0.12
CA LYS C 106 -16.56 -28.31 -0.65
C LYS C 106 -15.57 -27.84 -1.69
N TYR C 107 -15.78 -26.66 -2.26
CA TYR C 107 -14.84 -26.09 -3.21
C TYR C 107 -14.89 -24.56 -3.09
N VAL C 108 -14.08 -23.90 -3.92
CA VAL C 108 -14.03 -22.45 -3.99
C VAL C 108 -13.89 -22.04 -5.45
N SER C 109 -14.60 -20.98 -5.84
CA SER C 109 -14.65 -20.56 -7.23
C SER C 109 -14.35 -19.07 -7.35
N LEU C 110 -14.04 -18.65 -8.56
CA LEU C 110 -13.71 -17.26 -8.86
C LEU C 110 -13.85 -17.03 -10.36
N HIS C 111 -13.57 -15.79 -10.78
CA HIS C 111 -13.45 -15.43 -12.18
C HIS C 111 -12.15 -14.66 -12.36
N VAL C 112 -11.40 -15.00 -13.40
CA VAL C 112 -10.15 -14.33 -13.73
C VAL C 112 -10.17 -14.04 -15.23
N ARG C 113 -9.59 -12.90 -15.61
CA ARG C 113 -9.50 -12.55 -17.03
C ARG C 113 -8.60 -13.52 -17.77
N LYS C 114 -8.86 -13.69 -19.06
CA LYS C 114 -8.12 -14.64 -19.86
C LYS C 114 -6.69 -14.20 -20.14
N SER C 115 -6.40 -12.90 -20.02
CA SER C 115 -5.07 -12.38 -20.26
C SER C 115 -4.30 -12.04 -18.99
N ASN C 116 -4.92 -12.20 -17.82
CA ASN C 116 -4.27 -11.93 -16.55
C ASN C 116 -3.26 -13.03 -16.26
N ARG C 117 -2.04 -12.85 -16.77
CA ARG C 117 -1.05 -13.93 -16.76
C ARG C 117 -0.51 -14.17 -15.35
N ALA C 118 -0.44 -13.11 -14.56
CA ALA C 118 0.06 -13.22 -13.19
C ALA C 118 -0.90 -14.02 -12.32
N ALA C 119 -2.19 -13.87 -12.55
CA ALA C 119 -3.19 -14.57 -11.75
C ALA C 119 -3.45 -15.98 -12.28
N LEU C 120 -3.19 -16.21 -13.56
CA LEU C 120 -3.32 -17.56 -14.10
C LEU C 120 -2.20 -18.47 -13.59
N HIS C 121 -1.01 -17.92 -13.42
CA HIS C 121 0.10 -18.73 -12.90
C HIS C 121 -0.08 -18.99 -11.41
N LEU C 122 -0.82 -18.11 -10.72
CA LEU C 122 -1.08 -18.31 -9.30
C LEU C 122 -2.11 -19.41 -9.08
N TYR C 123 -3.26 -19.30 -9.74
CA TYR C 123 -4.39 -20.19 -9.51
C TYR C 123 -4.15 -21.58 -10.08
N SER C 124 -3.50 -21.68 -11.23
CA SER C 124 -3.32 -22.98 -11.87
C SER C 124 -2.07 -23.68 -11.38
N ASN C 125 -0.92 -22.99 -11.41
CA ASN C 125 0.34 -23.66 -11.14
C ASN C 125 0.68 -23.74 -9.66
N THR C 126 0.01 -22.97 -8.79
CA THR C 126 0.33 -22.97 -7.38
C THR C 126 -0.85 -23.32 -6.48
N LEU C 127 -2.03 -22.78 -6.73
CA LEU C 127 -3.17 -23.03 -5.86
C LEU C 127 -4.02 -24.18 -6.41
N ASN C 128 -3.68 -24.64 -7.62
CA ASN C 128 -4.31 -25.76 -8.32
C ASN C 128 -5.80 -25.55 -8.53
N PHE C 129 -6.18 -24.49 -9.23
CA PHE C 129 -7.55 -24.29 -9.68
C PHE C 129 -7.72 -24.94 -11.06
N GLN C 130 -8.95 -25.34 -11.36
CA GLN C 130 -9.29 -26.01 -12.61
C GLN C 130 -10.28 -25.16 -13.40
N ILE C 131 -10.01 -24.97 -14.69
CA ILE C 131 -10.86 -24.14 -15.54
C ILE C 131 -12.16 -24.89 -15.83
N SER C 132 -13.27 -24.33 -15.39
CA SER C 132 -14.57 -25.00 -15.54
C SER C 132 -15.36 -24.49 -16.74
N GLU C 133 -15.41 -23.18 -16.94
CA GLU C 133 -16.26 -22.60 -17.98
C GLU C 133 -15.67 -21.27 -18.43
N VAL C 134 -15.46 -21.12 -19.73
CA VAL C 134 -15.06 -19.83 -20.29
C VAL C 134 -16.31 -19.00 -20.47
N GLU C 135 -16.35 -17.82 -19.84
CA GLU C 135 -17.52 -16.96 -19.91
C GLU C 135 -17.29 -15.84 -20.91
N PRO C 136 -18.14 -15.69 -21.93
CA PRO C 136 -17.88 -14.67 -22.96
C PRO C 136 -18.41 -13.29 -22.59
N LYS C 137 -17.54 -12.29 -22.75
CA LYS C 137 -17.83 -10.87 -22.53
C LYS C 137 -18.35 -10.60 -21.12
N TYR C 138 -17.69 -11.20 -20.13
CA TYR C 138 -18.12 -11.04 -18.74
C TYR C 138 -17.74 -9.69 -18.18
N TYR C 139 -16.72 -9.03 -18.72
CA TYR C 139 -16.17 -7.81 -18.16
C TYR C 139 -16.56 -6.59 -19.00
N ALA C 140 -16.27 -5.42 -18.44
CA ALA C 140 -16.79 -4.17 -18.98
C ALA C 140 -16.13 -3.79 -20.30
N ASP C 141 -14.87 -4.17 -20.51
CA ASP C 141 -14.21 -3.92 -21.78
C ASP C 141 -14.33 -5.11 -22.74
N GLY C 142 -15.37 -5.93 -22.58
CA GLY C 142 -15.67 -7.00 -23.52
C GLY C 142 -14.78 -8.22 -23.44
N GLU C 143 -13.89 -8.30 -22.46
CA GLU C 143 -12.98 -9.42 -22.36
C GLU C 143 -13.64 -10.62 -21.70
N ASP C 144 -13.25 -11.81 -22.16
CA ASP C 144 -13.79 -13.07 -21.65
C ASP C 144 -13.06 -13.49 -20.39
N ALA C 145 -13.76 -14.21 -19.52
CA ALA C 145 -13.23 -14.62 -18.23
C ALA C 145 -13.10 -16.14 -18.16
N TYR C 146 -12.28 -16.59 -17.21
CA TYR C 146 -12.17 -17.99 -16.84
C TYR C 146 -12.88 -18.20 -15.51
N ALA C 147 -13.88 -19.06 -15.49
CA ALA C 147 -14.44 -19.53 -14.22
C ALA C 147 -13.60 -20.72 -13.75
N MET C 148 -13.08 -20.63 -12.54
CA MET C 148 -12.16 -21.63 -12.02
C MET C 148 -12.74 -22.26 -10.76
N LYS C 149 -12.26 -23.46 -10.44
CA LYS C 149 -12.71 -24.21 -9.29
C LYS C 149 -11.52 -24.91 -8.65
N ARG C 150 -11.48 -24.88 -7.32
CA ARG C 150 -10.46 -25.60 -6.55
C ARG C 150 -11.16 -26.46 -5.52
N ASP C 151 -10.95 -27.77 -5.59
CA ASP C 151 -11.60 -28.70 -4.69
C ASP C 151 -10.99 -28.60 -3.30
N LEU C 152 -11.83 -28.40 -2.29
CA LEU C 152 -11.38 -28.23 -0.91
C LEU C 152 -11.57 -29.50 -0.08
N THR C 153 -11.37 -30.67 -0.67
CA THR C 153 -11.50 -31.92 0.06
C THR C 153 -10.16 -32.53 0.44
N GLN C 154 -9.13 -32.35 -0.38
CA GLN C 154 -7.79 -32.79 0.00
C GLN C 154 -7.22 -31.91 1.09
N MET C 155 -7.66 -30.65 1.16
CA MET C 155 -7.23 -29.76 2.23
C MET C 155 -7.98 -30.02 3.53
N ALA C 156 -9.21 -30.53 3.44
CA ALA C 156 -9.98 -30.88 4.63
C ALA C 156 -9.49 -32.18 5.26
N ASP C 157 -8.80 -33.02 4.49
CA ASP C 157 -8.28 -34.27 5.05
C ASP C 157 -7.05 -34.03 5.92
N GLU C 158 -6.26 -33.01 5.61
CA GLU C 158 -5.06 -32.73 6.39
C GLU C 158 -5.35 -31.94 7.66
N LEU C 159 -6.55 -31.38 7.80
CA LEU C 159 -6.89 -30.74 9.06
C LEU C 159 -7.39 -31.75 10.08
N ARG C 160 -8.14 -32.75 9.60
CA ARG C 160 -8.58 -33.84 10.48
C ARG C 160 -7.45 -34.79 10.83
N ARG C 161 -6.39 -34.82 10.03
CA ARG C 161 -5.25 -35.69 10.30
C ARG C 161 -4.28 -35.05 11.27
#